data_4B9Y
#
_entry.id   4B9Y
#
_cell.length_a   197.329
_cell.length_b   197.329
_cell.length_c   103.032
_cell.angle_alpha   90.00
_cell.angle_beta   90.00
_cell.angle_gamma   120.00
#
_symmetry.space_group_name_H-M   'P 6 2 2'
#
loop_
_entity.id
_entity.type
_entity.pdbx_description
1 polymer 'ALPHA-GLUCOSIDASE, PUTATIVE, ADG31B'
2 non-polymer 'SULFATE ION'
3 non-polymer 'OXALATE ION'
4 non-polymer 1,2-ETHANEDIOL
5 non-polymer 'TETRAETHYLENE GLYCOL'
6 water water
#
_entity_poly.entity_id   1
_entity_poly.type   'polypeptide(L)'
_entity_poly.pdbx_seq_one_letter_code
;MFRRIAGFSPIFLMLFGSSLPTMGNPVKREIHPDAVFYKEHKLRNDGLVITTNQGNIRLQFKSEAAIEVLYRADSKQLPS
FALAQPESAIKAQLTETENHLQFSGGTLTARIQKRPFAISYYRDSELLLAEESGFQVNTDKINFRFYLSPGEKILGGGQR
ILGMDRRGQRFPLYNRAHYGYSDHSGQMYFGLPAIMSSKQYILVFDNSASGAMDIGKTESDILQLEAKSGRSAYILVAGN
SYPSLIENFTQVTGRQPLPPRWALGSFASRFGYRSEAETRATVQKYKTEDFPLDTIVLDLYWFGKDIKGHMGNLDWDKEN
FPTPLDMMADFKQQGVKTVLITEPFVLTSSKRWDDAVKAKALAKDPQGQPKAFELYFGNGGIIDVFSKEGSRWFSSIYKD
LSKQGVAGWWGDLGEPEMHPEDTQHAIGDADTVHNAYGHRWAEMLYQQQLDQFPELRPFIMMRAGFVGSQRYGMIPWTGD
VSRTWGGLASQVELALQMSLLGFGYIHSDLGGFADGETLDKEMYIRWLQYGVFQPVYRPHGQDHIPSEPVFQDEETKAIL
RPLVKLRYRMLPYIYTAAYQNTLTGMPLMRPLFFSDEKNPALIDNKTSYFWGDSLLVTPITQAGVESVSIPAPKGVWFDF
WKDTRYQTDGAPLTLPTDLHTIPVLVKAGAFMPYVPAVSTTEDYRSDSLEIHYYADASVPLAQGEIFEDDGKDPNSIKRN
QFDLLTLQATHTDNQLHFQLARTGKGYRGMPERRATTLVIHNASDQYQHLDINGKTIAIAQADCASTPALACYDQERRQL
QLVFTWGREALNLRLHK
;
_entity_poly.pdbx_strand_id   A
#
loop_
_chem_comp.id
_chem_comp.type
_chem_comp.name
_chem_comp.formula
EDO non-polymer 1,2-ETHANEDIOL 'C2 H6 O2'
OXL non-polymer 'OXALATE ION' 'C2 O4 -2'
PG4 non-polymer 'TETRAETHYLENE GLYCOL' 'C8 H18 O5'
SO4 non-polymer 'SULFATE ION' 'O4 S -2'
#
# COMPACT_ATOMS: atom_id res chain seq x y z
N ALA A 35 4.32 39.14 16.83
CA ALA A 35 5.73 39.17 17.18
C ALA A 35 6.08 38.05 18.15
N VAL A 36 7.02 37.19 17.76
CA VAL A 36 7.46 36.08 18.59
C VAL A 36 8.99 36.05 18.68
N PHE A 37 9.50 35.86 19.89
CA PHE A 37 10.93 35.79 20.08
C PHE A 37 11.32 34.79 21.16
N TYR A 38 12.56 34.33 21.11
CA TYR A 38 13.11 33.39 22.07
C TYR A 38 13.31 34.07 23.42
N LYS A 39 13.02 33.36 24.50
CA LYS A 39 13.30 33.87 25.85
C LYS A 39 14.28 32.97 26.60
N GLU A 40 14.00 31.67 26.61
CA GLU A 40 14.89 30.71 27.27
C GLU A 40 14.59 29.28 26.83
N HIS A 41 15.47 28.36 27.21
CA HIS A 41 15.30 26.96 26.88
C HIS A 41 15.88 26.06 27.96
N LYS A 42 15.52 24.78 27.91
CA LYS A 42 16.05 23.78 28.82
C LYS A 42 16.16 22.44 28.10
N LEU A 43 17.34 21.84 28.17
CA LEU A 43 17.59 20.60 27.45
C LEU A 43 17.54 19.40 28.38
N ARG A 44 16.34 18.83 28.51
CA ARG A 44 16.17 17.61 29.29
C ARG A 44 14.70 17.18 29.26
N ASN A 45 14.44 15.96 28.78
CA ASN A 45 15.48 15.01 28.36
C ASN A 45 14.86 13.82 27.64
N ASP A 46 15.34 13.49 26.45
CA ASP A 46 16.39 14.24 25.76
C ASP A 46 15.78 15.29 24.84
N GLY A 47 14.73 15.94 25.33
CA GLY A 47 14.02 16.92 24.51
C GLY A 47 14.43 18.35 24.79
N LEU A 48 14.36 19.18 23.76
CA LEU A 48 14.60 20.60 23.91
C LEU A 48 13.29 21.32 24.17
N VAL A 49 13.23 22.06 25.28
CA VAL A 49 12.04 22.82 25.60
C VAL A 49 12.36 24.31 25.53
N ILE A 50 11.80 24.96 24.52
CA ILE A 50 12.04 26.38 24.29
C ILE A 50 10.88 27.20 24.81
N THR A 51 11.20 28.30 25.49
CA THR A 51 10.18 29.26 25.92
C THR A 51 10.31 30.52 25.07
N THR A 52 9.24 30.88 24.38
CA THR A 52 9.18 32.17 23.69
C THR A 52 8.26 33.08 24.50
N ASN A 53 8.05 34.29 24.01
CA ASN A 53 7.12 35.20 24.68
C ASN A 53 5.69 34.69 24.55
N GLN A 54 5.48 33.69 23.70
CA GLN A 54 4.14 33.20 23.43
C GLN A 54 3.83 31.80 23.97
N GLY A 55 4.83 31.16 24.57
CA GLY A 55 4.61 29.84 25.17
C GLY A 55 5.77 28.88 25.01
N ASN A 56 5.50 27.60 25.27
CA ASN A 56 6.54 26.57 25.20
C ASN A 56 6.47 25.74 23.92
N ILE A 57 7.64 25.32 23.45
CA ILE A 57 7.77 24.44 22.28
C ILE A 57 8.71 23.30 22.63
N ARG A 58 8.27 22.07 22.40
CA ARG A 58 9.09 20.89 22.71
C ARG A 58 9.62 20.24 21.44
N LEU A 59 10.93 20.08 21.35
CA LEU A 59 11.53 19.40 20.20
C LEU A 59 12.16 18.08 20.63
N GLN A 60 11.82 17.00 19.91
CA GLN A 60 12.34 15.67 20.23
C GLN A 60 12.63 14.89 18.96
N PHE A 61 13.83 14.32 18.89
CA PHE A 61 14.17 13.46 17.76
C PHE A 61 13.59 12.08 17.99
N LYS A 62 12.78 11.62 17.04
CA LYS A 62 12.20 10.29 17.10
C LYS A 62 13.16 9.30 16.44
N SER A 63 14.18 9.83 15.79
CA SER A 63 15.25 9.06 15.15
C SER A 63 16.33 10.04 14.72
N GLU A 64 17.40 9.55 14.11
CA GLU A 64 18.47 10.43 13.67
C GLU A 64 18.02 11.31 12.50
N ALA A 65 16.90 10.94 11.88
CA ALA A 65 16.44 11.61 10.67
C ALA A 65 15.05 12.25 10.79
N ALA A 66 14.48 12.24 11.99
CA ALA A 66 13.10 12.70 12.15
C ALA A 66 12.88 13.45 13.46
N ILE A 67 12.25 14.61 13.38
CA ILE A 67 12.04 15.42 14.56
C ILE A 67 10.57 15.76 14.74
N GLU A 68 10.09 15.64 15.99
CA GLU A 68 8.75 16.07 16.33
C GLU A 68 8.84 17.46 16.96
N VAL A 69 8.04 18.38 16.46
CA VAL A 69 7.99 19.75 16.96
C VAL A 69 6.59 20.08 17.52
N LEU A 70 6.50 20.23 18.84
CA LEU A 70 5.23 20.44 19.52
C LEU A 70 5.12 21.87 20.05
N TYR A 71 4.16 22.62 19.51
CA TYR A 71 3.85 23.95 20.02
C TYR A 71 2.76 23.86 21.09
N ARG A 72 2.59 24.92 21.86
CA ARG A 72 1.72 24.91 23.03
C ARG A 72 2.04 23.71 23.91
N ALA A 73 3.34 23.43 24.05
CA ALA A 73 3.78 22.22 24.71
C ALA A 73 3.38 22.22 26.17
N ASP A 74 3.07 23.41 26.69
CA ASP A 74 2.71 23.58 28.08
C ASP A 74 1.26 23.15 28.39
N SER A 75 0.46 22.98 27.35
CA SER A 75 -0.96 22.68 27.52
C SER A 75 -1.33 21.22 27.20
N LYS A 76 -2.51 20.81 27.68
CA LYS A 76 -3.05 19.47 27.40
C LYS A 76 -3.59 19.43 25.98
N GLN A 77 -3.09 18.47 25.20
CA GLN A 77 -3.50 18.33 23.80
C GLN A 77 -3.74 16.86 23.49
N LEU A 78 -4.40 16.58 22.38
CA LEU A 78 -4.50 15.20 21.91
C LEU A 78 -3.09 14.69 21.67
N PRO A 79 -2.87 13.38 21.86
CA PRO A 79 -1.54 12.82 21.65
C PRO A 79 -1.25 12.68 20.16
N SER A 80 0.01 12.37 19.83
CA SER A 80 0.36 12.05 18.46
C SER A 80 -0.41 10.84 17.97
N PHE A 81 -0.83 10.87 16.71
CA PHE A 81 -1.39 9.68 16.07
C PHE A 81 -0.40 9.14 15.03
N ALA A 82 0.40 10.03 14.46
CA ALA A 82 1.31 9.65 13.36
C ALA A 82 2.48 8.79 13.83
N LEU A 83 2.90 8.98 15.08
CA LEU A 83 4.11 8.32 15.60
C LEU A 83 3.86 6.91 16.14
N ALA A 84 4.70 5.98 15.73
CA ALA A 84 4.62 4.61 16.22
C ALA A 84 5.11 4.51 17.65
N GLN A 85 6.09 5.35 17.99
CA GLN A 85 6.62 5.42 19.36
C GLN A 85 6.65 6.87 19.81
N PRO A 86 5.48 7.40 20.20
CA PRO A 86 5.32 8.84 20.47
C PRO A 86 6.22 9.35 21.59
N GLU A 87 6.58 8.47 22.52
CA GLU A 87 7.38 8.89 23.68
C GLU A 87 8.89 8.84 23.43
N SER A 88 9.29 8.39 22.25
CA SER A 88 10.70 8.33 21.87
C SER A 88 11.38 9.69 21.87
N ALA A 89 12.65 9.70 22.26
CA ALA A 89 13.49 10.89 22.18
C ALA A 89 14.96 10.51 22.24
N ILE A 90 15.59 10.35 21.08
CA ILE A 90 16.98 9.90 21.01
C ILE A 90 17.94 11.04 21.33
N LYS A 91 19.16 10.68 21.73
CA LYS A 91 20.15 11.67 22.15
C LYS A 91 20.57 12.58 21.00
N ALA A 92 20.33 13.87 21.16
CA ALA A 92 20.75 14.86 20.16
C ALA A 92 21.74 15.83 20.79
N GLN A 93 22.38 16.64 19.96
CA GLN A 93 23.32 17.63 20.48
C GLN A 93 22.76 19.04 20.33
N LEU A 94 22.93 19.84 21.37
CA LEU A 94 22.47 21.22 21.38
C LEU A 94 23.67 22.15 21.41
N THR A 95 23.70 23.12 20.49
CA THR A 95 24.73 24.14 20.49
C THR A 95 24.11 25.51 20.39
N GLU A 96 24.73 26.49 21.02
CA GLU A 96 24.14 27.83 21.09
C GLU A 96 25.06 28.90 20.56
N THR A 97 24.47 29.88 19.89
CA THR A 97 25.16 31.08 19.45
C THR A 97 24.32 32.28 19.86
N GLU A 98 24.81 33.48 19.58
CA GLU A 98 24.11 34.70 19.99
C GLU A 98 22.68 34.72 19.48
N ASN A 99 22.50 34.36 18.21
CA ASN A 99 21.22 34.53 17.54
C ASN A 99 20.52 33.21 17.20
N HIS A 100 21.15 32.08 17.50
CA HIS A 100 20.61 30.78 17.12
C HIS A 100 20.84 29.69 18.16
N LEU A 101 19.97 28.69 18.14
CA LEU A 101 20.23 27.41 18.79
C LEU A 101 20.29 26.37 17.68
N GLN A 102 21.11 25.34 17.87
CA GLN A 102 21.13 24.22 16.94
C GLN A 102 20.87 22.91 17.70
N PHE A 103 19.84 22.19 17.26
CA PHE A 103 19.50 20.91 17.86
C PHE A 103 19.63 19.84 16.78
N SER A 104 20.66 19.02 16.92
CA SER A 104 21.08 18.17 15.82
C SER A 104 21.07 16.68 16.15
N GLY A 105 20.48 15.90 15.25
CA GLY A 105 20.59 14.45 15.30
C GLY A 105 21.59 13.98 14.25
N GLY A 106 21.73 12.66 14.13
CA GLY A 106 22.65 12.07 13.18
C GLY A 106 22.68 12.65 11.77
N THR A 107 21.52 12.94 11.20
CA THR A 107 21.49 13.49 9.84
C THR A 107 20.70 14.81 9.78
N LEU A 108 19.66 14.91 10.59
CA LEU A 108 18.78 16.08 10.57
C LEU A 108 19.16 17.10 11.63
N THR A 109 19.16 18.37 11.25
CA THR A 109 19.43 19.45 12.19
C THR A 109 18.33 20.51 12.17
N ALA A 110 17.90 20.92 13.36
CA ALA A 110 16.96 22.02 13.51
C ALA A 110 17.73 23.30 13.84
N ARG A 111 17.54 24.33 13.03
CA ARG A 111 18.21 25.61 13.28
C ARG A 111 17.18 26.59 13.81
N ILE A 112 17.38 27.01 15.05
CA ILE A 112 16.41 27.85 15.73
C ILE A 112 16.92 29.29 15.81
N GLN A 113 16.29 30.17 15.03
CA GLN A 113 16.63 31.58 15.01
C GLN A 113 15.89 32.27 16.14
N LYS A 114 16.60 33.03 16.95
CA LYS A 114 16.03 33.60 18.16
C LYS A 114 15.12 34.81 17.92
N ARG A 115 15.55 35.73 17.06
CA ARG A 115 14.78 36.96 16.83
C ARG A 115 14.78 37.37 15.38
N PRO A 116 13.59 37.37 14.74
CA PRO A 116 12.35 36.86 15.33
C PRO A 116 12.41 35.34 15.38
N PHE A 117 11.55 34.71 16.15
CA PHE A 117 11.62 33.27 16.30
C PHE A 117 11.22 32.53 15.03
N ALA A 118 12.10 31.65 14.56
CA ALA A 118 11.79 30.82 13.39
C ALA A 118 12.68 29.59 13.40
N ILE A 119 12.10 28.43 13.11
CA ILE A 119 12.88 27.20 13.02
C ILE A 119 13.03 26.78 11.57
N SER A 120 14.24 26.34 11.20
CA SER A 120 14.44 25.77 9.87
C SER A 120 15.18 24.45 9.99
N TYR A 121 15.07 23.62 8.96
CA TYR A 121 15.58 22.25 9.08
C TYR A 121 16.59 21.94 7.98
N TYR A 122 17.69 21.30 8.37
CA TYR A 122 18.80 21.03 7.47
C TYR A 122 19.18 19.55 7.48
N ARG A 123 19.51 19.03 6.32
CA ARG A 123 20.11 17.70 6.20
C ARG A 123 21.48 17.91 5.60
N ASP A 124 22.52 17.50 6.32
CA ASP A 124 23.87 17.96 6.03
C ASP A 124 23.91 19.47 6.25
N SER A 125 24.29 20.19 5.22
CA SER A 125 24.29 21.65 5.27
C SER A 125 23.22 22.19 4.32
N GLU A 126 22.32 21.34 3.88
CA GLU A 126 21.28 21.74 2.94
C GLU A 126 19.96 22.09 3.62
N LEU A 127 19.51 23.32 3.40
CA LEU A 127 18.21 23.75 3.91
C LEU A 127 17.10 22.91 3.29
N LEU A 128 16.27 22.31 4.13
CA LEU A 128 15.16 21.52 3.66
C LEU A 128 13.86 22.33 3.67
N LEU A 129 13.59 22.93 4.82
CA LEU A 129 12.32 23.60 5.04
C LEU A 129 12.51 24.65 6.11
N ALA A 130 11.95 25.83 5.90
CA ALA A 130 12.03 26.91 6.87
C ALA A 130 10.65 27.42 7.23
N GLU A 131 10.40 27.55 8.52
CA GLU A 131 9.21 28.24 8.98
C GLU A 131 9.21 29.67 8.44
N GLU A 132 8.02 30.16 8.11
CA GLU A 132 7.84 31.58 7.84
C GLU A 132 7.40 32.20 9.16
N SER A 133 6.10 32.38 9.33
CA SER A 133 5.55 32.83 10.61
C SER A 133 5.47 31.66 11.58
N GLY A 134 5.68 30.45 11.07
CA GLY A 134 5.62 29.26 11.89
C GLY A 134 4.25 29.08 12.50
N PHE A 135 4.21 28.89 13.82
CA PHE A 135 2.96 28.65 14.53
C PHE A 135 2.16 29.91 14.86
N GLN A 136 0.89 29.94 14.44
CA GLN A 136 -0.04 31.02 14.80
C GLN A 136 -1.21 30.51 15.65
N VAL A 137 -1.59 31.30 16.64
CA VAL A 137 -2.58 30.98 17.68
C VAL A 137 -2.28 29.71 18.47
N LYS A 141 -8.02 28.65 16.43
CA LYS A 141 -7.58 27.78 15.35
C LYS A 141 -6.05 27.71 15.28
N ILE A 142 -5.53 26.60 14.77
CA ILE A 142 -4.08 26.44 14.68
C ILE A 142 -3.57 26.57 13.26
N ASN A 143 -2.38 27.15 13.15
CA ASN A 143 -1.86 27.58 11.86
C ASN A 143 -0.34 27.46 11.82
N PHE A 144 0.16 26.76 10.81
CA PHE A 144 1.58 26.68 10.54
C PHE A 144 1.88 27.25 9.16
N ARG A 145 2.89 28.12 9.09
CA ARG A 145 3.29 28.72 7.83
C ARG A 145 4.79 28.50 7.57
N PHE A 146 5.09 27.90 6.41
CA PHE A 146 6.48 27.63 6.00
C PHE A 146 6.76 28.26 4.63
N TYR A 147 8.01 28.62 4.39
CA TYR A 147 8.43 28.99 3.04
C TYR A 147 8.57 27.77 2.15
N LEU A 148 8.19 27.90 0.89
CA LEU A 148 8.51 26.92 -0.13
C LEU A 148 9.63 27.50 -0.98
N SER A 149 10.54 26.65 -1.46
CA SER A 149 11.66 27.13 -2.27
C SER A 149 11.24 27.25 -3.73
N PRO A 150 11.90 28.13 -4.49
CA PRO A 150 11.55 28.22 -5.90
C PRO A 150 11.86 26.89 -6.59
N GLY A 151 10.90 26.38 -7.35
CA GLY A 151 11.12 25.16 -8.10
C GLY A 151 10.87 23.90 -7.29
N GLU A 152 10.69 24.04 -6.00
CA GLU A 152 10.39 22.88 -5.15
C GLU A 152 9.06 22.26 -5.58
N LYS A 153 9.05 20.95 -5.85
CA LYS A 153 7.81 20.24 -6.18
C LYS A 153 7.29 19.48 -4.96
N ILE A 154 5.98 19.46 -4.80
CA ILE A 154 5.37 18.93 -3.57
C ILE A 154 4.29 17.87 -3.85
N LEU A 155 4.61 16.61 -3.58
CA LEU A 155 3.60 15.56 -3.56
C LEU A 155 2.93 15.54 -2.19
N GLY A 156 1.79 14.87 -2.07
CA GLY A 156 1.18 14.71 -0.76
C GLY A 156 -0.31 15.01 -0.69
N GLY A 157 -0.83 14.99 0.53
CA GLY A 157 -2.24 15.24 0.76
C GLY A 157 -3.07 13.98 0.70
N GLY A 158 -2.42 12.85 0.40
CA GLY A 158 -3.11 11.59 0.23
C GLY A 158 -3.95 11.55 -1.05
N GLN A 159 -5.17 11.04 -0.94
CA GLN A 159 -6.01 10.87 -2.11
C GLN A 159 -6.57 12.20 -2.61
N ARG A 160 -6.07 12.64 -3.75
CA ARG A 160 -6.61 13.77 -4.49
C ARG A 160 -6.32 13.43 -5.95
N ILE A 161 -7.12 13.96 -6.86
CA ILE A 161 -6.80 13.82 -8.27
C ILE A 161 -6.58 15.24 -8.80
N LEU A 162 -5.32 15.68 -8.77
CA LEU A 162 -4.98 17.09 -8.99
C LEU A 162 -3.71 17.24 -9.81
N GLY A 163 -3.03 16.12 -10.05
CA GLY A 163 -1.69 16.13 -10.59
C GLY A 163 -0.72 15.71 -9.48
N MET A 164 0.34 15.01 -9.85
CA MET A 164 1.29 14.48 -8.88
C MET A 164 1.92 15.56 -8.00
N ASP A 165 2.28 16.69 -8.62
CA ASP A 165 2.81 17.85 -7.89
C ASP A 165 1.62 18.70 -7.47
N ARG A 166 1.36 18.77 -6.16
CA ARG A 166 0.19 19.47 -5.64
C ARG A 166 0.46 20.94 -5.29
N ARG A 167 1.68 21.40 -5.53
CA ARG A 167 1.99 22.81 -5.33
C ARG A 167 1.11 23.65 -6.24
N GLY A 168 0.58 24.75 -5.69
CA GLY A 168 -0.36 25.59 -6.41
C GLY A 168 -1.79 25.19 -6.08
N GLN A 169 -1.95 24.17 -5.24
CA GLN A 169 -3.27 23.70 -4.82
C GLN A 169 -3.54 23.96 -3.34
N ARG A 170 -4.81 24.15 -3.03
CA ARG A 170 -5.28 24.24 -1.64
C ARG A 170 -6.45 23.27 -1.50
N PHE A 171 -6.52 22.58 -0.37
CA PHE A 171 -7.60 21.62 -0.16
C PHE A 171 -7.81 21.31 1.32
N PRO A 172 -9.02 20.84 1.66
CA PRO A 172 -9.28 20.59 3.08
C PRO A 172 -8.58 19.33 3.56
N LEU A 173 -8.31 19.29 4.86
CA LEU A 173 -7.95 18.02 5.51
C LEU A 173 -9.20 17.58 6.27
N TYR A 174 -10.07 16.87 5.58
CA TYR A 174 -11.29 16.34 6.18
C TYR A 174 -11.74 15.14 5.35
N ASN A 175 -11.47 13.94 5.85
CA ASN A 175 -11.85 12.71 5.17
C ASN A 175 -13.34 12.74 4.81
N ARG A 176 -13.63 12.48 3.55
CA ARG A 176 -14.99 12.65 3.05
C ARG A 176 -15.22 11.81 1.80
N ALA A 177 -16.40 11.23 1.68
CA ALA A 177 -16.70 10.43 0.49
C ALA A 177 -16.75 11.29 -0.77
N HIS A 178 -16.31 10.70 -1.89
CA HIS A 178 -16.52 11.36 -3.18
C HIS A 178 -17.10 10.31 -4.12
N TYR A 179 -18.37 10.00 -3.90
CA TYR A 179 -19.02 8.95 -4.67
C TYR A 179 -18.95 9.23 -6.16
N GLY A 180 -18.55 8.23 -6.94
CA GLY A 180 -18.59 8.34 -8.38
C GLY A 180 -17.57 9.27 -9.00
N TYR A 181 -16.47 9.52 -8.29
CA TYR A 181 -15.45 10.40 -8.82
C TYR A 181 -14.85 9.79 -10.07
N SER A 182 -14.26 10.64 -10.90
N SER A 182 -14.22 10.61 -10.89
CA SER A 182 -13.71 10.19 -12.18
CA SER A 182 -13.57 10.10 -12.08
C SER A 182 -12.29 10.71 -12.31
C SER A 182 -12.21 10.74 -12.25
N ASP A 183 -12.16 11.91 -12.88
CA ASP A 183 -10.87 12.50 -13.23
C ASP A 183 -10.46 13.74 -12.43
N HIS A 184 -11.18 14.03 -11.35
CA HIS A 184 -10.83 15.19 -10.53
C HIS A 184 -11.36 15.06 -9.11
N SER A 185 -10.53 15.43 -8.14
CA SER A 185 -11.01 15.53 -6.76
C SER A 185 -10.03 16.30 -5.88
N GLY A 186 -10.56 17.28 -5.16
CA GLY A 186 -9.75 18.00 -4.18
C GLY A 186 -9.93 17.44 -2.77
N GLN A 187 -10.81 16.45 -2.64
CA GLN A 187 -11.18 15.93 -1.33
C GLN A 187 -11.88 14.60 -1.47
N MET A 188 -11.27 13.54 -0.92
CA MET A 188 -11.92 12.23 -0.95
C MET A 188 -11.71 11.45 0.36
N TYR A 189 -11.88 10.14 0.29
CA TYR A 189 -11.97 9.27 1.45
C TYR A 189 -10.81 9.34 2.42
N PHE A 190 -9.60 9.36 1.87
CA PHE A 190 -8.42 9.13 2.70
C PHE A 190 -7.40 10.21 2.39
N GLY A 191 -7.55 11.34 3.06
CA GLY A 191 -6.55 12.38 2.99
C GLY A 191 -5.42 12.04 3.95
N LEU A 192 -4.25 12.59 3.67
CA LEU A 192 -3.14 12.52 4.62
C LEU A 192 -2.60 13.92 4.87
N PRO A 193 -2.48 14.30 6.15
CA PRO A 193 -1.94 15.61 6.49
C PRO A 193 -0.41 15.56 6.39
N ALA A 194 0.09 15.32 5.18
CA ALA A 194 1.51 15.13 4.98
C ALA A 194 1.91 15.40 3.53
N ILE A 195 3.17 15.81 3.36
CA ILE A 195 3.70 16.05 2.04
C ILE A 195 5.09 15.44 1.88
N MET A 196 5.46 15.16 0.64
CA MET A 196 6.82 14.75 0.29
C MET A 196 7.36 15.72 -0.74
N SER A 197 8.52 16.29 -0.47
CA SER A 197 9.10 17.32 -1.34
C SER A 197 10.25 16.81 -2.21
N SER A 198 10.44 17.44 -3.37
CA SER A 198 11.57 17.12 -4.24
C SER A 198 12.91 17.42 -3.53
N LYS A 199 12.84 18.13 -2.41
CA LYS A 199 14.01 18.34 -1.56
C LYS A 199 14.25 17.10 -0.69
N GLN A 200 13.43 16.08 -0.89
CA GLN A 200 13.55 14.82 -0.16
C GLN A 200 13.39 14.93 1.35
N TYR A 201 12.30 15.58 1.77
CA TYR A 201 11.85 15.49 3.15
C TYR A 201 10.38 15.12 3.13
N ILE A 202 9.88 14.64 4.25
CA ILE A 202 8.46 14.45 4.43
C ILE A 202 8.06 15.30 5.62
N LEU A 203 7.01 16.11 5.46
CA LEU A 203 6.47 16.90 6.56
C LEU A 203 5.11 16.36 6.97
N VAL A 204 4.94 16.05 8.25
CA VAL A 204 3.65 15.57 8.74
C VAL A 204 3.01 16.58 9.70
N PHE A 205 1.75 16.93 9.44
CA PHE A 205 0.94 17.76 10.35
C PHE A 205 0.24 16.75 11.27
N ASP A 206 0.77 16.58 12.48
CA ASP A 206 0.33 15.49 13.36
C ASP A 206 -0.93 15.89 14.09
N ASN A 207 -1.97 16.14 13.31
CA ASN A 207 -3.20 16.74 13.83
C ASN A 207 -4.35 16.00 13.18
N SER A 208 -5.35 15.65 13.98
CA SER A 208 -6.45 14.81 13.55
C SER A 208 -7.72 15.58 13.20
N ALA A 209 -7.66 16.91 13.24
CA ALA A 209 -8.88 17.71 13.18
C ALA A 209 -9.23 18.21 11.79
N SER A 210 -10.49 18.62 11.62
CA SER A 210 -10.90 19.32 10.41
C SER A 210 -9.93 20.46 10.14
N GLY A 211 -9.26 20.41 8.99
CA GLY A 211 -8.25 21.41 8.67
C GLY A 211 -8.11 21.67 7.19
N ALA A 212 -6.93 22.14 6.79
CA ALA A 212 -6.69 22.46 5.39
C ALA A 212 -5.20 22.55 5.10
N MET A 213 -4.85 22.38 3.84
CA MET A 213 -3.49 22.52 3.39
C MET A 213 -3.46 23.46 2.18
N ASP A 214 -2.60 24.47 2.23
CA ASP A 214 -2.51 25.44 1.17
C ASP A 214 -1.07 25.40 0.68
N ILE A 215 -0.83 24.68 -0.42
CA ILE A 215 0.53 24.47 -0.88
C ILE A 215 0.92 25.51 -1.92
N GLY A 216 1.25 26.72 -1.44
CA GLY A 216 1.67 27.80 -2.30
C GLY A 216 0.60 28.23 -3.28
N LYS A 217 -0.66 28.07 -2.90
CA LYS A 217 -1.77 28.52 -3.72
C LYS A 217 -2.07 30.00 -3.47
N THR A 218 -2.46 30.32 -2.23
CA THR A 218 -2.80 31.69 -1.87
C THR A 218 -1.58 32.61 -1.97
N GLU A 219 -0.46 32.15 -1.43
CA GLU A 219 0.80 32.88 -1.53
C GLU A 219 1.84 31.97 -2.17
N SER A 220 2.40 32.40 -3.30
CA SER A 220 3.26 31.57 -4.13
C SER A 220 4.37 30.84 -3.39
N ASP A 221 4.88 31.45 -2.33
CA ASP A 221 6.05 30.92 -1.65
C ASP A 221 5.73 30.46 -0.23
N ILE A 222 4.44 30.21 0.04
CA ILE A 222 4.03 29.81 1.38
C ILE A 222 3.25 28.51 1.41
N LEU A 223 3.71 27.58 2.24
CA LEU A 223 2.97 26.37 2.56
C LEU A 223 2.24 26.62 3.89
N GLN A 224 0.92 26.55 3.87
CA GLN A 224 0.15 26.78 5.10
C GLN A 224 -0.65 25.56 5.53
N LEU A 225 -0.52 25.21 6.80
CA LEU A 225 -1.30 24.15 7.43
C LEU A 225 -2.28 24.78 8.42
N GLU A 226 -3.53 24.33 8.40
CA GLU A 226 -4.56 24.89 9.27
C GLU A 226 -5.40 23.78 9.88
N ALA A 227 -5.83 23.97 11.13
CA ALA A 227 -6.79 23.07 11.76
C ALA A 227 -7.68 23.85 12.73
N LYS A 228 -8.93 23.42 12.87
CA LYS A 228 -9.89 24.09 13.73
C LYS A 228 -9.62 23.81 15.21
N SER A 229 -8.89 22.73 15.47
CA SER A 229 -8.58 22.30 16.83
C SER A 229 -7.53 21.20 16.77
N GLY A 230 -7.36 20.46 17.86
CA GLY A 230 -6.47 19.32 17.89
C GLY A 230 -5.02 19.68 18.17
N ARG A 231 -4.13 18.70 17.98
CA ARG A 231 -2.71 18.82 18.34
C ARG A 231 -1.95 19.82 17.48
N SER A 232 -1.19 20.70 18.13
CA SER A 232 -0.39 21.68 17.39
C SER A 232 1.05 21.20 17.26
N ALA A 233 1.27 20.24 16.36
CA ALA A 233 2.59 19.65 16.20
C ALA A 233 2.84 19.28 14.75
N TYR A 234 4.10 19.30 14.35
CA TYR A 234 4.47 18.75 13.06
C TYR A 234 5.73 17.89 13.20
N ILE A 235 5.94 17.01 12.24
CA ILE A 235 7.07 16.10 12.26
C ILE A 235 7.77 16.24 10.93
N LEU A 236 9.08 16.45 10.94
CA LEU A 236 9.83 16.49 9.70
C LEU A 236 10.76 15.30 9.64
N VAL A 237 10.75 14.60 8.50
CA VAL A 237 11.59 13.43 8.30
C VAL A 237 12.45 13.68 7.06
N ALA A 238 13.74 13.38 7.17
CA ALA A 238 14.65 13.58 6.03
C ALA A 238 15.22 12.26 5.54
N GLY A 239 15.82 12.29 4.35
CA GLY A 239 16.45 11.11 3.78
C GLY A 239 17.43 11.52 2.70
N ASN A 240 18.33 10.63 2.30
CA ASN A 240 19.32 10.99 1.27
C ASN A 240 18.94 10.48 -0.11
N SER A 241 17.80 9.81 -0.19
CA SER A 241 17.27 9.29 -1.45
C SER A 241 15.80 9.06 -1.17
N TYR A 242 14.99 8.84 -2.20
CA TYR A 242 13.57 8.60 -1.94
C TYR A 242 13.32 7.30 -1.17
N PRO A 243 14.03 6.21 -1.53
CA PRO A 243 13.85 5.01 -0.71
C PRO A 243 14.25 5.22 0.76
N SER A 244 15.36 5.92 1.00
CA SER A 244 15.82 6.17 2.36
C SER A 244 14.83 7.04 3.11
N LEU A 245 14.30 8.05 2.43
CA LEU A 245 13.31 8.94 3.02
C LEU A 245 12.13 8.11 3.50
N ILE A 246 11.64 7.23 2.64
CA ILE A 246 10.51 6.37 2.95
C ILE A 246 10.84 5.36 4.06
N GLU A 247 12.04 4.81 4.03
CA GLU A 247 12.51 3.95 5.12
C GLU A 247 12.53 4.70 6.46
N ASN A 248 13.00 5.94 6.44
CA ASN A 248 13.04 6.77 7.65
C ASN A 248 11.65 7.16 8.12
N PHE A 249 10.78 7.45 7.16
CA PHE A 249 9.40 7.81 7.47
C PHE A 249 8.66 6.65 8.12
N THR A 250 8.77 5.45 7.55
CA THR A 250 8.07 4.30 8.14
C THR A 250 8.73 3.83 9.44
N GLN A 251 10.00 4.14 9.61
CA GLN A 251 10.66 3.80 10.87
C GLN A 251 9.96 4.47 12.04
N VAL A 252 9.55 5.72 11.85
CA VAL A 252 8.95 6.49 12.95
C VAL A 252 7.42 6.53 12.94
N THR A 253 6.80 6.31 11.77
CA THR A 253 5.33 6.26 11.71
C THR A 253 4.79 4.83 11.77
N GLY A 254 5.62 3.86 11.43
CA GLY A 254 5.22 2.47 11.51
C GLY A 254 5.46 1.71 10.21
N ARG A 255 5.87 0.45 10.33
CA ARG A 255 6.04 -0.42 9.17
C ARG A 255 4.84 -1.35 9.12
N GLN A 256 4.35 -1.63 7.91
CA GLN A 256 3.26 -2.57 7.74
C GLN A 256 3.71 -4.00 8.01
N PRO A 257 3.00 -4.70 8.89
CA PRO A 257 3.32 -6.11 9.11
C PRO A 257 3.02 -6.87 7.83
N LEU A 258 3.80 -7.89 7.51
CA LEU A 258 3.53 -8.64 6.29
C LEU A 258 2.10 -9.17 6.30
N PRO A 259 1.32 -8.88 5.25
CA PRO A 259 -0.04 -9.43 5.19
C PRO A 259 -0.01 -10.95 4.99
N PRO A 260 -1.12 -11.63 5.27
CA PRO A 260 -1.16 -13.05 4.92
C PRO A 260 -0.97 -13.17 3.41
N ARG A 261 -0.32 -14.24 2.96
CA ARG A 261 -0.07 -14.37 1.52
C ARG A 261 -1.38 -14.39 0.71
N TRP A 262 -2.46 -14.89 1.31
CA TRP A 262 -3.74 -14.90 0.60
C TRP A 262 -4.26 -13.51 0.18
N ALA A 263 -3.75 -12.47 0.82
CA ALA A 263 -4.12 -11.10 0.48
C ALA A 263 -3.66 -10.74 -0.93
N LEU A 264 -2.69 -11.51 -1.45
CA LEU A 264 -2.16 -11.26 -2.78
C LEU A 264 -2.88 -12.08 -3.86
N GLY A 265 -3.92 -12.81 -3.47
CA GLY A 265 -4.63 -13.68 -4.39
C GLY A 265 -5.85 -13.03 -5.01
N SER A 266 -6.69 -13.86 -5.65
CA SER A 266 -7.91 -13.40 -6.33
C SER A 266 -9.08 -13.30 -5.35
N PHE A 267 -9.74 -12.14 -5.33
CA PHE A 267 -10.93 -11.94 -4.51
C PHE A 267 -12.20 -11.96 -5.37
N ALA A 268 -13.21 -12.69 -4.93
CA ALA A 268 -14.55 -12.56 -5.51
C ALA A 268 -15.29 -11.49 -4.72
N SER A 269 -15.76 -10.43 -5.39
CA SER A 269 -16.51 -9.41 -4.66
C SER A 269 -17.51 -8.72 -5.56
N ARG A 270 -18.58 -8.23 -4.94
CA ARG A 270 -19.57 -7.33 -5.56
C ARG A 270 -20.31 -6.63 -4.42
N PHE A 271 -21.08 -5.61 -4.77
CA PHE A 271 -22.07 -5.05 -3.84
C PHE A 271 -23.43 -5.44 -4.39
N GLY A 272 -23.99 -6.59 -3.99
CA GLY A 272 -23.41 -7.51 -3.01
C GLY A 272 -24.07 -8.88 -3.16
N TYR A 273 -23.41 -9.95 -2.70
CA TYR A 273 -24.06 -11.26 -2.72
C TYR A 273 -25.30 -11.17 -1.83
N ARG A 274 -26.46 -11.56 -2.37
CA ARG A 274 -27.71 -11.40 -1.64
C ARG A 274 -28.05 -12.56 -0.72
N SER A 275 -27.34 -13.66 -0.86
CA SER A 275 -27.69 -14.87 -0.12
C SER A 275 -26.52 -15.83 -0.01
N GLU A 276 -26.61 -16.75 0.95
CA GLU A 276 -25.66 -17.84 1.03
C GLU A 276 -25.64 -18.63 -0.28
N ALA A 277 -26.81 -18.86 -0.87
CA ALA A 277 -26.86 -19.62 -2.13
C ALA A 277 -26.07 -18.92 -3.23
N GLU A 278 -26.26 -17.60 -3.32
CA GLU A 278 -25.55 -16.81 -4.33
C GLU A 278 -24.06 -16.81 -4.08
N THR A 279 -23.67 -16.73 -2.80
CA THR A 279 -22.27 -16.71 -2.42
C THR A 279 -21.62 -18.04 -2.80
N ARG A 280 -22.26 -19.14 -2.41
CA ARG A 280 -21.76 -20.46 -2.77
C ARG A 280 -21.71 -20.64 -4.30
N ALA A 281 -22.70 -20.10 -4.99
CA ALA A 281 -22.73 -20.25 -6.46
C ALA A 281 -21.55 -19.51 -7.10
N THR A 282 -21.15 -18.40 -6.50
CA THR A 282 -20.02 -17.61 -7.01
C THR A 282 -18.69 -18.33 -6.78
N VAL A 283 -18.50 -18.87 -5.58
CA VAL A 283 -17.32 -19.69 -5.33
C VAL A 283 -17.28 -20.82 -6.37
N GLN A 284 -18.42 -21.44 -6.59
CA GLN A 284 -18.52 -22.56 -7.54
C GLN A 284 -18.20 -22.09 -8.96
N LYS A 285 -18.62 -20.90 -9.33
CA LYS A 285 -18.36 -20.36 -10.67
C LYS A 285 -16.84 -20.20 -10.92
N TYR A 286 -16.10 -19.80 -9.90
CA TYR A 286 -14.66 -19.72 -10.04
C TYR A 286 -14.08 -21.11 -10.29
N LYS A 287 -14.61 -22.10 -9.58
CA LYS A 287 -14.15 -23.48 -9.78
C LYS A 287 -14.47 -23.98 -11.18
N THR A 288 -15.70 -23.77 -11.64
CA THR A 288 -16.10 -24.31 -12.93
C THR A 288 -15.56 -23.50 -14.11
N GLU A 289 -15.24 -22.22 -13.89
CA GLU A 289 -14.65 -21.41 -14.95
C GLU A 289 -13.13 -21.42 -14.90
N ASP A 290 -12.58 -22.12 -13.91
CA ASP A 290 -11.12 -22.25 -13.79
C ASP A 290 -10.44 -20.89 -13.65
N PHE A 291 -10.96 -20.04 -12.75
CA PHE A 291 -10.23 -18.86 -12.29
C PHE A 291 -9.77 -19.08 -10.86
N PRO A 292 -8.51 -18.74 -10.55
CA PRO A 292 -8.05 -18.78 -9.15
C PRO A 292 -8.96 -17.94 -8.23
N LEU A 293 -9.12 -18.42 -7.01
CA LEU A 293 -9.91 -17.71 -6.01
C LEU A 293 -9.39 -18.02 -4.62
N ASP A 294 -9.06 -16.97 -3.87
CA ASP A 294 -8.62 -17.14 -2.49
C ASP A 294 -9.68 -16.72 -1.49
N THR A 295 -10.48 -15.72 -1.84
CA THR A 295 -11.32 -15.05 -0.83
C THR A 295 -12.59 -14.55 -1.46
N ILE A 296 -13.72 -14.78 -0.78
CA ILE A 296 -14.96 -14.15 -1.20
C ILE A 296 -15.40 -13.13 -0.14
N VAL A 297 -15.93 -12.01 -0.62
CA VAL A 297 -16.19 -10.86 0.24
C VAL A 297 -17.69 -10.55 0.25
N LEU A 298 -18.24 -10.40 1.44
CA LEU A 298 -19.67 -10.20 1.60
C LEU A 298 -19.97 -8.76 2.01
N ASP A 299 -20.71 -8.07 1.16
CA ASP A 299 -21.15 -6.70 1.42
C ASP A 299 -22.35 -6.74 2.37
N LEU A 300 -23.05 -5.61 2.49
CA LEU A 300 -23.97 -5.43 3.62
C LEU A 300 -25.23 -6.30 3.64
N TYR A 301 -25.50 -7.07 2.60
CA TYR A 301 -26.64 -7.97 2.64
C TYR A 301 -26.42 -9.15 3.60
N TRP A 302 -25.20 -9.34 4.08
CA TRP A 302 -24.95 -10.47 4.98
C TRP A 302 -25.68 -10.26 6.29
N PHE A 303 -25.96 -9.00 6.61
CA PHE A 303 -26.67 -8.68 7.85
C PHE A 303 -28.07 -8.07 7.69
N GLY A 304 -28.56 -7.95 6.46
CA GLY A 304 -29.89 -7.41 6.25
C GLY A 304 -30.32 -7.50 4.80
N LYS A 305 -31.61 -7.60 4.52
CA LYS A 305 -32.07 -7.81 3.15
C LYS A 305 -32.14 -6.51 2.35
N ASP A 306 -32.12 -5.38 3.05
CA ASP A 306 -32.15 -4.08 2.38
C ASP A 306 -30.87 -3.30 2.63
N ILE A 307 -30.60 -2.33 1.76
CA ILE A 307 -29.45 -1.46 1.95
C ILE A 307 -29.65 -0.58 3.18
N LYS A 308 -30.87 -0.08 3.36
CA LYS A 308 -31.17 0.77 4.51
C LYS A 308 -31.83 0.00 5.65
N GLY A 309 -31.57 0.45 6.88
CA GLY A 309 -32.38 0.06 8.01
C GLY A 309 -31.79 -1.04 8.89
N HIS A 310 -30.73 -1.70 8.43
CA HIS A 310 -30.19 -2.86 9.15
C HIS A 310 -28.79 -2.66 9.71
N MET A 311 -28.10 -1.64 9.22
CA MET A 311 -26.71 -1.42 9.61
C MET A 311 -26.56 -1.34 11.13
N GLY A 312 -25.67 -2.16 11.69
CA GLY A 312 -25.52 -2.25 13.12
C GLY A 312 -25.95 -3.60 13.66
N ASN A 313 -26.76 -4.32 12.88
CA ASN A 313 -27.13 -5.68 13.24
C ASN A 313 -25.90 -6.55 13.52
N LEU A 314 -24.86 -6.36 12.69
CA LEU A 314 -23.58 -7.04 12.88
C LEU A 314 -23.80 -8.50 13.25
N ASP A 315 -24.69 -9.15 12.52
CA ASP A 315 -24.98 -10.57 12.71
C ASP A 315 -25.70 -11.03 11.46
N TRP A 316 -25.68 -12.34 11.22
CA TRP A 316 -26.20 -12.88 9.97
C TRP A 316 -27.69 -12.69 9.78
N ASP A 317 -28.10 -12.31 8.58
CA ASP A 317 -29.50 -12.32 8.18
C ASP A 317 -29.85 -13.76 7.83
N LYS A 318 -30.43 -14.47 8.80
CA LYS A 318 -30.64 -15.92 8.66
C LYS A 318 -31.67 -16.28 7.59
N GLU A 319 -32.52 -15.32 7.23
CA GLU A 319 -33.45 -15.55 6.13
C GLU A 319 -32.67 -15.82 4.86
N ASN A 320 -31.60 -15.06 4.65
CA ASN A 320 -30.84 -15.19 3.41
C ASN A 320 -29.49 -15.88 3.52
N PHE A 321 -28.95 -15.94 4.73
CA PHE A 321 -27.73 -16.70 5.02
C PHE A 321 -28.02 -17.68 6.16
N PRO A 322 -28.66 -18.80 5.84
CA PRO A 322 -29.26 -19.70 6.83
C PRO A 322 -28.26 -20.57 7.59
N THR A 323 -27.15 -20.93 6.96
CA THR A 323 -26.17 -21.82 7.56
C THR A 323 -24.74 -21.27 7.35
N PRO A 324 -24.46 -20.12 7.94
CA PRO A 324 -23.19 -19.42 7.67
C PRO A 324 -21.96 -20.13 8.20
N LEU A 325 -22.06 -20.85 9.32
CA LEU A 325 -20.88 -21.59 9.80
C LEU A 325 -20.52 -22.70 8.81
N ASP A 326 -21.51 -23.45 8.36
CA ASP A 326 -21.29 -24.45 7.31
C ASP A 326 -20.74 -23.79 6.05
N MET A 327 -21.31 -22.64 5.67
CA MET A 327 -20.88 -21.98 4.45
C MET A 327 -19.39 -21.67 4.53
N MET A 328 -18.97 -21.03 5.62
CA MET A 328 -17.56 -20.66 5.78
C MET A 328 -16.65 -21.88 5.86
N ALA A 329 -17.10 -22.93 6.54
CA ALA A 329 -16.31 -24.18 6.63
C ALA A 329 -16.17 -24.84 5.27
N ASP A 330 -17.26 -24.86 4.51
CA ASP A 330 -17.23 -25.45 3.15
C ASP A 330 -16.27 -24.68 2.25
N PHE A 331 -16.27 -23.35 2.35
CA PHE A 331 -15.32 -22.54 1.60
C PHE A 331 -13.87 -22.85 2.05
N LYS A 332 -13.66 -22.99 3.34
CA LYS A 332 -12.32 -23.29 3.84
C LYS A 332 -11.81 -24.61 3.28
N GLN A 333 -12.70 -25.58 3.16
CA GLN A 333 -12.33 -26.87 2.55
C GLN A 333 -11.81 -26.70 1.12
N GLN A 334 -12.27 -25.66 0.43
CA GLN A 334 -11.80 -25.37 -0.93
C GLN A 334 -10.71 -24.30 -0.95
N GLY A 335 -10.17 -23.98 0.23
CA GLY A 335 -9.09 -23.01 0.31
C GLY A 335 -9.54 -21.56 0.16
N VAL A 336 -10.81 -21.29 0.43
CA VAL A 336 -11.38 -19.96 0.19
C VAL A 336 -11.77 -19.31 1.52
N LYS A 337 -11.29 -18.08 1.71
CA LYS A 337 -11.55 -17.33 2.95
C LYS A 337 -12.82 -16.50 2.81
N THR A 338 -13.43 -16.16 3.94
CA THR A 338 -14.62 -15.30 3.93
C THR A 338 -14.29 -13.99 4.67
N VAL A 339 -14.57 -12.87 4.02
CA VAL A 339 -14.42 -11.53 4.61
C VAL A 339 -15.78 -10.84 4.68
N LEU A 340 -16.09 -10.20 5.81
CA LEU A 340 -17.35 -9.48 5.95
C LEU A 340 -17.14 -7.98 6.10
N ILE A 341 -18.08 -7.22 5.54
CA ILE A 341 -18.10 -5.77 5.70
C ILE A 341 -18.69 -5.40 7.06
N THR A 342 -18.16 -4.33 7.64
CA THR A 342 -18.68 -3.77 8.88
C THR A 342 -18.58 -2.26 8.71
N GLU A 343 -19.35 -1.52 9.51
CA GLU A 343 -19.40 -0.06 9.43
C GLU A 343 -19.42 0.53 10.84
N PRO A 344 -19.13 1.85 10.96
CA PRO A 344 -19.08 2.47 12.29
C PRO A 344 -20.46 2.75 12.89
N PHE A 345 -21.51 2.63 12.08
CA PHE A 345 -22.83 3.16 12.45
C PHE A 345 -23.78 2.08 12.95
N VAL A 346 -24.50 2.41 14.02
CA VAL A 346 -25.53 1.53 14.54
C VAL A 346 -26.86 2.26 14.44
N LEU A 347 -27.76 1.77 13.60
CA LEU A 347 -29.02 2.44 13.37
C LEU A 347 -29.97 2.22 14.53
N THR A 348 -30.84 3.19 14.76
CA THR A 348 -31.82 3.06 15.84
C THR A 348 -32.80 1.96 15.49
N SER A 349 -32.90 1.65 14.21
CA SER A 349 -33.77 0.57 13.75
C SER A 349 -33.10 -0.81 13.82
N SER A 350 -31.81 -0.84 14.14
CA SER A 350 -31.08 -2.11 14.12
C SER A 350 -31.27 -2.88 15.43
N LYS A 351 -31.01 -4.18 15.36
CA LYS A 351 -31.18 -5.10 16.48
C LYS A 351 -30.21 -4.82 17.62
N ARG A 352 -29.15 -4.05 17.36
CA ARG A 352 -28.15 -3.79 18.40
C ARG A 352 -28.25 -2.38 19.02
N TRP A 353 -29.24 -1.59 18.61
CA TRP A 353 -29.33 -0.23 19.15
C TRP A 353 -29.51 -0.21 20.68
N ASP A 354 -30.52 -0.91 21.18
CA ASP A 354 -30.77 -0.89 22.63
C ASP A 354 -29.54 -1.34 23.40
N ASP A 355 -28.87 -2.39 22.93
CA ASP A 355 -27.70 -2.93 23.61
C ASP A 355 -26.51 -1.99 23.58
N ALA A 356 -26.28 -1.35 22.43
CA ALA A 356 -25.19 -0.39 22.29
C ALA A 356 -25.39 0.81 23.23
N VAL A 357 -26.63 1.28 23.32
CA VAL A 357 -26.96 2.38 24.24
C VAL A 357 -26.70 1.90 25.68
N LYS A 358 -27.19 0.70 26.00
CA LYS A 358 -27.00 0.15 27.35
C LYS A 358 -25.51 0.06 27.68
N ALA A 359 -24.73 -0.42 26.71
CA ALA A 359 -23.28 -0.57 26.91
C ALA A 359 -22.52 0.75 26.91
N LYS A 360 -23.20 1.86 26.60
CA LYS A 360 -22.55 3.16 26.44
C LYS A 360 -21.50 3.09 25.32
N ALA A 361 -21.84 2.38 24.25
CA ALA A 361 -20.89 2.14 23.17
C ALA A 361 -20.87 3.23 22.11
N LEU A 362 -21.89 4.09 22.10
CA LEU A 362 -22.03 5.08 21.04
C LEU A 362 -21.55 6.47 21.46
N ALA A 363 -21.08 7.26 20.49
CA ALA A 363 -20.75 8.65 20.77
C ALA A 363 -21.99 9.37 21.26
N LYS A 364 -21.78 10.40 22.07
CA LYS A 364 -22.85 11.07 22.76
C LYS A 364 -23.02 12.51 22.26
N ASP A 365 -24.11 13.16 22.64
CA ASP A 365 -24.25 14.59 22.39
C ASP A 365 -23.75 15.33 23.64
N PRO A 366 -23.65 16.66 23.58
CA PRO A 366 -23.14 17.41 24.74
C PRO A 366 -23.99 17.16 25.98
N GLN A 367 -25.24 16.78 25.78
CA GLN A 367 -26.17 16.50 26.88
C GLN A 367 -25.88 15.15 27.56
N GLY A 368 -25.26 14.22 26.85
CA GLY A 368 -24.91 12.93 27.43
C GLY A 368 -25.73 11.76 26.90
N GLN A 369 -26.64 12.03 25.98
CA GLN A 369 -27.42 10.98 25.35
C GLN A 369 -26.65 10.43 24.16
N PRO A 370 -26.97 9.20 23.74
CA PRO A 370 -26.43 8.72 22.46
C PRO A 370 -26.79 9.72 21.37
N LYS A 371 -25.83 10.08 20.54
CA LYS A 371 -26.07 10.99 19.42
C LYS A 371 -26.62 10.21 18.23
N ALA A 372 -27.80 10.60 17.75
CA ALA A 372 -28.38 9.97 16.57
C ALA A 372 -28.53 10.99 15.46
N PHE A 373 -28.25 10.57 14.24
CA PHE A 373 -28.30 11.47 13.09
C PHE A 373 -28.69 10.73 11.82
N GLU A 374 -29.12 11.47 10.80
CA GLU A 374 -29.73 10.86 9.62
C GLU A 374 -28.71 10.47 8.57
N LEU A 375 -28.34 9.20 8.54
CA LEU A 375 -27.44 8.68 7.51
C LEU A 375 -28.28 8.26 6.32
N TYR A 376 -27.64 8.02 5.19
CA TYR A 376 -28.36 7.45 4.07
C TYR A 376 -29.15 6.21 4.49
N PHE A 377 -28.57 5.41 5.37
CA PHE A 377 -29.12 4.11 5.75
C PHE A 377 -30.25 4.20 6.76
N GLY A 378 -30.37 5.36 7.42
CA GLY A 378 -31.39 5.58 8.42
C GLY A 378 -30.85 6.41 9.57
N ASN A 379 -31.69 6.61 10.60
CA ASN A 379 -31.27 7.35 11.77
C ASN A 379 -30.38 6.44 12.62
N GLY A 380 -29.23 6.93 13.06
CA GLY A 380 -28.37 6.10 13.87
C GLY A 380 -27.19 6.84 14.49
N GLY A 381 -26.41 6.11 15.27
CA GLY A 381 -25.28 6.70 15.96
C GLY A 381 -23.98 6.11 15.49
N ILE A 382 -22.89 6.53 16.11
CA ILE A 382 -21.58 6.05 15.73
C ILE A 382 -20.91 5.42 16.92
N ILE A 383 -20.28 4.27 16.69
CA ILE A 383 -19.56 3.56 17.74
C ILE A 383 -18.34 4.36 18.14
N ASP A 384 -18.20 4.64 19.43
CA ASP A 384 -17.07 5.46 19.85
C ASP A 384 -15.84 4.59 20.10
N VAL A 385 -15.05 4.38 19.04
CA VAL A 385 -13.84 3.56 19.14
C VAL A 385 -12.76 4.22 19.99
N PHE A 386 -12.95 5.50 20.31
CA PHE A 386 -12.01 6.20 21.19
C PHE A 386 -12.31 5.92 22.67
N SER A 387 -13.42 5.24 22.96
CA SER A 387 -13.80 4.96 24.35
C SER A 387 -13.51 3.52 24.75
N LYS A 388 -13.34 3.28 26.04
CA LYS A 388 -13.15 1.92 26.52
C LYS A 388 -14.40 1.10 26.24
N GLU A 389 -15.56 1.68 26.55
CA GLU A 389 -16.83 0.99 26.39
C GLU A 389 -17.13 0.62 24.93
N GLY A 390 -16.96 1.59 24.03
CA GLY A 390 -17.17 1.35 22.61
C GLY A 390 -16.21 0.32 22.05
N SER A 391 -14.94 0.43 22.42
CA SER A 391 -13.94 -0.52 21.96
C SER A 391 -14.25 -1.94 22.43
N ARG A 392 -14.57 -2.09 23.71
CA ARG A 392 -14.87 -3.42 24.24
C ARG A 392 -16.09 -4.02 23.56
N TRP A 393 -17.11 -3.19 23.35
CA TRP A 393 -18.37 -3.67 22.78
C TRP A 393 -18.17 -4.11 21.32
N PHE A 394 -17.51 -3.26 20.54
CA PHE A 394 -17.28 -3.53 19.12
C PHE A 394 -16.32 -4.72 18.96
N SER A 395 -15.25 -4.72 19.75
CA SER A 395 -14.27 -5.81 19.70
C SER A 395 -14.86 -7.19 19.98
N SER A 396 -15.79 -7.24 20.94
N SER A 396 -15.79 -7.25 20.94
CA SER A 396 -16.46 -8.49 21.31
CA SER A 396 -16.43 -8.52 21.29
C SER A 396 -17.24 -9.07 20.12
C SER A 396 -17.27 -9.08 20.13
N ILE A 397 -17.83 -8.17 19.34
CA ILE A 397 -18.61 -8.59 18.17
C ILE A 397 -17.68 -9.14 17.09
N TYR A 398 -16.54 -8.49 16.86
CA TYR A 398 -15.57 -9.05 15.90
C TYR A 398 -15.07 -10.41 16.35
N LYS A 399 -14.84 -10.56 17.64
CA LYS A 399 -14.30 -11.82 18.18
C LYS A 399 -15.28 -12.96 17.93
N ASP A 400 -16.54 -12.70 18.23
CA ASP A 400 -17.61 -13.66 18.03
C ASP A 400 -17.67 -14.14 16.57
N LEU A 401 -17.75 -13.19 15.64
CA LEU A 401 -17.84 -13.55 14.22
C LEU A 401 -16.57 -14.25 13.72
N SER A 402 -15.42 -13.85 14.23
CA SER A 402 -14.17 -14.47 13.80
C SER A 402 -14.13 -15.92 14.27
N LYS A 403 -14.62 -16.15 15.49
CA LYS A 403 -14.68 -17.51 16.02
C LYS A 403 -15.57 -18.39 15.14
N GLN A 404 -16.62 -17.80 14.57
CA GLN A 404 -17.53 -18.54 13.69
C GLN A 404 -16.87 -18.95 12.36
N GLY A 405 -15.81 -18.27 11.98
CA GLY A 405 -15.07 -18.66 10.78
C GLY A 405 -14.63 -17.53 9.87
N VAL A 406 -14.94 -16.29 10.23
CA VAL A 406 -14.56 -15.15 9.39
C VAL A 406 -13.04 -14.98 9.43
N ALA A 407 -12.41 -14.87 8.26
CA ALA A 407 -10.96 -14.87 8.15
C ALA A 407 -10.34 -13.49 8.06
N GLY A 408 -11.14 -12.50 7.64
CA GLY A 408 -10.62 -11.17 7.47
C GLY A 408 -11.75 -10.17 7.48
N TRP A 409 -11.40 -8.89 7.54
CA TRP A 409 -12.38 -7.86 7.86
C TRP A 409 -12.32 -6.65 6.94
N TRP A 410 -13.49 -6.12 6.66
CA TRP A 410 -13.65 -4.98 5.77
C TRP A 410 -14.39 -3.91 6.58
N GLY A 411 -13.78 -2.74 6.72
CA GLY A 411 -14.39 -1.65 7.48
C GLY A 411 -14.65 -0.50 6.54
N ASP A 412 -15.92 -0.27 6.22
CA ASP A 412 -16.32 0.75 5.24
C ASP A 412 -16.82 1.98 5.98
N LEU A 413 -16.80 3.14 5.31
CA LEU A 413 -17.40 4.38 5.81
C LEU A 413 -16.67 5.02 7.00
N GLY A 414 -15.39 4.72 7.13
CA GLY A 414 -14.60 5.18 8.26
C GLY A 414 -14.10 6.63 8.26
N GLU A 415 -14.60 7.44 7.33
CA GLU A 415 -14.18 8.85 7.28
C GLU A 415 -14.32 9.63 8.60
N PRO A 416 -15.41 9.42 9.37
CA PRO A 416 -16.64 8.66 9.11
C PRO A 416 -17.45 9.38 8.06
N GLU A 417 -18.18 8.65 7.25
CA GLU A 417 -18.87 9.23 6.10
C GLU A 417 -19.81 10.37 6.49
N MET A 418 -20.50 10.21 7.62
CA MET A 418 -21.29 11.30 8.21
C MET A 418 -20.85 11.43 9.67
N HIS A 419 -20.60 12.67 10.10
CA HIS A 419 -19.99 12.90 11.40
C HIS A 419 -20.31 14.31 11.88
N PRO A 420 -21.54 14.51 12.39
CA PRO A 420 -21.99 15.84 12.83
C PRO A 420 -21.06 16.48 13.85
N GLU A 421 -20.86 17.79 13.72
CA GLU A 421 -19.86 18.51 14.49
C GLU A 421 -20.07 18.43 16.01
N ASP A 422 -21.30 18.23 16.44
CA ASP A 422 -21.58 18.21 17.88
C ASP A 422 -21.51 16.80 18.48
N THR A 423 -21.09 15.82 17.68
CA THR A 423 -20.88 14.48 18.18
C THR A 423 -19.69 14.47 19.12
N GLN A 424 -19.85 13.86 20.29
CA GLN A 424 -18.81 13.85 21.31
C GLN A 424 -18.23 12.45 21.49
N HIS A 425 -16.92 12.31 21.26
CA HIS A 425 -16.20 11.09 21.56
C HIS A 425 -15.48 11.25 22.88
N ALA A 426 -14.99 10.15 23.43
CA ALA A 426 -14.33 10.14 24.72
C ALA A 426 -13.22 11.20 24.82
N ILE A 427 -12.51 11.44 23.72
CA ILE A 427 -11.35 12.32 23.76
C ILE A 427 -11.51 13.65 23.03
N GLY A 428 -12.70 13.91 22.50
CA GLY A 428 -12.93 15.18 21.82
C GLY A 428 -14.15 15.12 20.91
N ASP A 429 -14.55 16.26 20.36
CA ASP A 429 -15.73 16.30 19.50
C ASP A 429 -15.39 15.80 18.09
N ALA A 430 -16.40 15.62 17.26
CA ALA A 430 -16.21 15.00 15.94
C ALA A 430 -15.15 15.73 15.13
N ASP A 431 -15.26 17.06 15.07
CA ASP A 431 -14.33 17.86 14.26
C ASP A 431 -12.88 17.74 14.75
N THR A 432 -12.69 17.49 16.04
CA THR A 432 -11.34 17.38 16.57
C THR A 432 -10.68 16.02 16.27
N VAL A 433 -11.45 14.94 16.31
CA VAL A 433 -10.88 13.60 16.13
C VAL A 433 -11.11 13.00 14.73
N HIS A 434 -11.86 13.71 13.90
CA HIS A 434 -12.35 13.21 12.62
C HIS A 434 -11.38 12.36 11.82
N ASN A 435 -10.21 12.91 11.50
CA ASN A 435 -9.30 12.24 10.57
C ASN A 435 -8.52 11.10 11.18
N ALA A 436 -8.84 10.80 12.44
CA ALA A 436 -8.20 9.69 13.15
C ALA A 436 -9.20 8.60 13.54
N TYR A 437 -10.48 8.80 13.25
CA TYR A 437 -11.46 7.79 13.60
C TYR A 437 -11.11 6.42 12.98
N GLY A 438 -10.94 6.39 11.66
CA GLY A 438 -10.61 5.15 10.96
C GLY A 438 -9.31 4.53 11.42
N HIS A 439 -8.34 5.38 11.70
CA HIS A 439 -7.05 4.99 12.26
C HIS A 439 -7.21 4.21 13.58
N ARG A 440 -7.98 4.77 14.51
CA ARG A 440 -8.19 4.10 15.79
C ARG A 440 -9.04 2.85 15.61
N TRP A 441 -10.00 2.90 14.70
CA TRP A 441 -10.79 1.73 14.37
C TRP A 441 -9.88 0.57 13.90
N ALA A 442 -8.92 0.87 13.03
CA ALA A 442 -7.96 -0.16 12.60
C ALA A 442 -7.13 -0.67 13.77
N GLU A 443 -6.67 0.24 14.62
CA GLU A 443 -5.88 -0.18 15.78
C GLU A 443 -6.69 -1.13 16.65
N MET A 444 -7.94 -0.77 16.91
CA MET A 444 -8.82 -1.58 17.75
C MET A 444 -8.97 -2.99 17.18
N LEU A 445 -9.20 -3.06 15.88
CA LEU A 445 -9.46 -4.33 15.21
C LEU A 445 -8.18 -5.14 15.11
N TYR A 446 -7.08 -4.46 14.81
CA TYR A 446 -5.78 -5.13 14.73
C TYR A 446 -5.42 -5.77 16.08
N GLN A 447 -5.53 -5.00 17.16
CA GLN A 447 -5.26 -5.52 18.49
C GLN A 447 -6.17 -6.69 18.82
N GLN A 448 -7.45 -6.54 18.47
CA GLN A 448 -8.43 -7.60 18.71
C GLN A 448 -8.04 -8.90 17.99
N GLN A 449 -7.70 -8.79 16.72
CA GLN A 449 -7.34 -9.97 15.92
C GLN A 449 -6.07 -10.64 16.42
N LEU A 450 -5.06 -9.85 16.80
CA LEU A 450 -3.83 -10.43 17.31
C LEU A 450 -4.04 -11.11 18.65
N ASP A 451 -4.94 -10.56 19.46
CA ASP A 451 -5.26 -11.19 20.74
C ASP A 451 -5.98 -12.52 20.53
N GLN A 452 -6.88 -12.56 19.55
CA GLN A 452 -7.65 -13.78 19.28
C GLN A 452 -6.82 -14.85 18.58
N PHE A 453 -6.07 -14.44 17.56
CA PHE A 453 -5.29 -15.36 16.72
C PHE A 453 -3.86 -14.87 16.63
N PRO A 454 -3.06 -15.09 17.69
CA PRO A 454 -1.68 -14.60 17.70
C PRO A 454 -0.79 -15.24 16.64
N GLU A 455 -1.25 -16.34 16.04
CA GLU A 455 -0.45 -17.03 15.04
C GLU A 455 -0.90 -16.75 13.61
N LEU A 456 -1.74 -15.74 13.44
CA LEU A 456 -2.19 -15.33 12.12
C LEU A 456 -1.98 -13.84 11.91
N ARG A 457 -1.91 -13.44 10.64
CA ARG A 457 -1.77 -12.05 10.27
C ARG A 457 -3.14 -11.46 9.95
N PRO A 458 -3.54 -10.40 10.66
CA PRO A 458 -4.86 -9.80 10.41
C PRO A 458 -4.99 -9.28 8.96
N PHE A 459 -6.18 -9.40 8.39
CA PHE A 459 -6.52 -8.75 7.12
C PHE A 459 -7.56 -7.70 7.44
N ILE A 460 -7.19 -6.43 7.26
CA ILE A 460 -8.07 -5.30 7.59
C ILE A 460 -8.11 -4.31 6.44
N MET A 461 -9.22 -4.30 5.73
CA MET A 461 -9.35 -3.44 4.56
C MET A 461 -10.27 -2.28 4.93
N MET A 462 -9.74 -1.06 4.84
CA MET A 462 -10.50 0.15 5.22
C MET A 462 -10.33 1.29 4.23
N ARG A 463 -11.24 2.26 4.31
CA ARG A 463 -11.38 3.36 3.34
C ARG A 463 -10.73 4.66 3.79
N ALA A 464 -10.49 4.78 5.09
CA ALA A 464 -10.03 6.03 5.68
C ALA A 464 -9.14 5.75 6.88
N GLY A 465 -8.02 6.47 6.95
CA GLY A 465 -7.12 6.33 8.07
C GLY A 465 -6.34 7.61 8.28
N PHE A 466 -5.12 7.48 8.80
CA PHE A 466 -4.29 8.61 9.15
C PHE A 466 -2.86 8.20 8.86
N VAL A 467 -1.93 9.13 8.93
CA VAL A 467 -0.51 8.80 8.84
C VAL A 467 -0.21 7.73 9.90
N GLY A 468 0.42 6.64 9.50
CA GLY A 468 0.76 5.56 10.43
C GLY A 468 -0.20 4.39 10.48
N SER A 469 -1.38 4.52 9.89
CA SER A 469 -2.37 3.45 9.94
C SER A 469 -1.84 2.13 9.37
N GLN A 470 -0.81 2.21 8.53
CA GLN A 470 -0.21 1.00 7.98
C GLN A 470 0.36 0.09 9.07
N ARG A 471 0.66 0.66 10.24
N ARG A 471 0.66 0.66 10.24
CA ARG A 471 1.21 -0.14 11.32
CA ARG A 471 1.21 -0.13 11.33
C ARG A 471 0.15 -1.04 11.97
C ARG A 471 0.16 -1.07 11.92
N TYR A 472 -1.11 -0.80 11.63
CA TYR A 472 -2.20 -1.66 12.10
C TYR A 472 -2.65 -2.56 10.94
N GLY A 473 -1.81 -2.66 9.93
CA GLY A 473 -2.09 -3.49 8.76
C GLY A 473 -3.17 -2.96 7.83
N MET A 474 -3.49 -1.67 7.91
CA MET A 474 -4.56 -1.15 7.04
C MET A 474 -4.27 -1.35 5.55
N ILE A 475 -5.22 -1.97 4.86
CA ILE A 475 -5.16 -2.12 3.40
C ILE A 475 -6.27 -1.24 2.80
N PRO A 476 -5.89 -0.06 2.27
CA PRO A 476 -6.93 0.86 1.80
C PRO A 476 -7.28 0.66 0.32
N TRP A 477 -8.50 1.03 -0.06
CA TRP A 477 -8.91 1.04 -1.45
C TRP A 477 -9.50 2.42 -1.74
N THR A 478 -9.53 2.79 -3.01
CA THR A 478 -9.80 4.18 -3.38
C THR A 478 -11.31 4.47 -3.53
N GLY A 479 -12.12 3.82 -2.71
CA GLY A 479 -13.52 4.21 -2.58
C GLY A 479 -14.39 3.90 -3.78
N ASP A 480 -15.50 4.64 -3.90
CA ASP A 480 -16.57 4.28 -4.84
C ASP A 480 -16.35 4.92 -6.22
N VAL A 481 -15.29 4.46 -6.89
CA VAL A 481 -14.90 5.05 -8.17
C VAL A 481 -15.97 4.79 -9.23
N SER A 482 -16.13 5.74 -10.15
CA SER A 482 -17.08 5.56 -11.24
C SER A 482 -16.63 4.46 -12.20
N ARG A 483 -17.58 3.93 -12.95
CA ARG A 483 -17.26 3.00 -14.03
C ARG A 483 -16.94 3.76 -15.31
N THR A 484 -15.91 4.60 -15.27
CA THR A 484 -15.52 5.39 -16.43
C THR A 484 -14.03 5.27 -16.66
N TRP A 485 -13.59 5.50 -17.89
CA TRP A 485 -12.16 5.55 -18.18
C TRP A 485 -11.44 6.56 -17.27
N GLY A 486 -12.06 7.69 -17.02
CA GLY A 486 -11.48 8.69 -16.13
C GLY A 486 -11.22 8.13 -14.73
N GLY A 487 -12.15 7.31 -14.25
CA GLY A 487 -11.96 6.65 -12.95
C GLY A 487 -10.74 5.75 -12.98
N LEU A 488 -10.56 5.01 -14.06
CA LEU A 488 -9.38 4.15 -14.19
C LEU A 488 -8.11 4.98 -14.34
N ALA A 489 -8.19 6.04 -15.13
CA ALA A 489 -7.02 6.85 -15.44
C ALA A 489 -6.46 7.58 -14.22
N SER A 490 -7.26 7.67 -13.16
CA SER A 490 -6.86 8.34 -11.92
C SER A 490 -6.17 7.43 -10.91
N GLN A 491 -6.24 6.11 -11.14
CA GLN A 491 -5.82 5.15 -10.12
C GLN A 491 -4.32 5.10 -9.86
N VAL A 492 -3.51 5.25 -10.90
CA VAL A 492 -2.06 5.28 -10.68
C VAL A 492 -1.67 6.50 -9.83
N GLU A 493 -2.22 7.66 -10.15
CA GLU A 493 -1.95 8.85 -9.34
C GLU A 493 -2.31 8.60 -7.87
N LEU A 494 -3.52 8.12 -7.63
CA LEU A 494 -3.94 7.83 -6.27
C LEU A 494 -3.03 6.80 -5.57
N ALA A 495 -2.72 5.72 -6.27
CA ALA A 495 -1.94 4.64 -5.67
C ALA A 495 -0.55 5.13 -5.29
N LEU A 496 0.07 5.88 -6.19
CA LEU A 496 1.41 6.39 -5.94
C LEU A 496 1.41 7.41 -4.80
N GLN A 497 0.39 8.26 -4.75
CA GLN A 497 0.33 9.25 -3.68
C GLN A 497 0.23 8.59 -2.30
N MET A 498 -0.57 7.53 -2.21
CA MET A 498 -0.72 6.80 -0.94
C MET A 498 0.49 5.92 -0.65
N SER A 499 1.08 5.35 -1.69
CA SER A 499 2.23 4.44 -1.55
C SER A 499 3.44 5.17 -1.00
N LEU A 500 3.63 6.40 -1.45
CA LEU A 500 4.80 7.18 -1.07
C LEU A 500 4.77 7.55 0.41
N LEU A 501 3.56 7.63 0.97
CA LEU A 501 3.37 8.05 2.35
C LEU A 501 2.85 6.93 3.24
N GLY A 502 3.26 5.71 2.90
CA GLY A 502 3.14 4.59 3.83
C GLY A 502 2.21 3.45 3.49
N PHE A 503 1.46 3.54 2.38
CA PHE A 503 0.40 2.56 2.14
C PHE A 503 0.66 1.69 0.92
N GLY A 504 1.40 0.62 1.11
CA GLY A 504 1.81 -0.23 0.01
C GLY A 504 0.70 -1.02 -0.65
N TYR A 505 -0.43 -1.18 0.05
CA TYR A 505 -1.48 -2.08 -0.46
C TYR A 505 -2.71 -1.32 -0.96
N ILE A 506 -2.55 -0.01 -1.15
CA ILE A 506 -3.56 0.82 -1.78
C ILE A 506 -3.95 0.18 -3.10
N HIS A 507 -5.25 0.12 -3.40
CA HIS A 507 -5.69 -0.49 -4.65
C HIS A 507 -7.06 0.06 -5.00
N SER A 508 -7.64 -0.40 -6.10
CA SER A 508 -8.96 0.08 -6.50
C SER A 508 -9.97 -1.04 -6.67
N ASP A 509 -11.26 -0.69 -6.65
CA ASP A 509 -12.31 -1.62 -7.04
C ASP A 509 -12.10 -1.92 -8.53
N LEU A 510 -11.47 -3.05 -8.83
CA LEU A 510 -11.14 -3.32 -10.24
C LEU A 510 -12.39 -3.42 -11.12
N GLY A 511 -12.34 -2.78 -12.28
CA GLY A 511 -13.44 -2.76 -13.23
C GLY A 511 -14.35 -1.54 -13.05
N GLY A 512 -14.19 -0.84 -11.93
CA GLY A 512 -15.05 0.30 -11.63
C GLY A 512 -16.24 -0.12 -10.78
N PHE A 513 -16.71 0.79 -9.94
CA PHE A 513 -17.71 0.47 -8.92
C PHE A 513 -19.08 1.11 -9.11
N ALA A 514 -19.10 2.44 -9.32
CA ALA A 514 -20.34 3.22 -9.20
C ALA A 514 -21.17 3.36 -10.47
N ASP A 515 -22.48 3.25 -10.31
CA ASP A 515 -23.46 3.52 -11.38
C ASP A 515 -23.20 2.70 -12.64
N GLY A 516 -23.37 3.32 -13.80
CA GLY A 516 -23.30 2.59 -15.05
C GLY A 516 -24.61 1.83 -15.27
N GLU A 517 -24.92 1.52 -16.52
CA GLU A 517 -26.13 0.76 -16.84
C GLU A 517 -25.83 -0.50 -17.61
N THR A 518 -24.73 -0.50 -18.35
CA THR A 518 -24.26 -1.72 -18.99
C THR A 518 -22.73 -1.74 -18.95
N LEU A 519 -22.15 -2.95 -18.95
CA LEU A 519 -20.71 -3.11 -18.85
C LEU A 519 -19.97 -2.36 -19.97
N ASP A 520 -18.96 -1.58 -19.62
CA ASP A 520 -18.06 -1.04 -20.65
C ASP A 520 -16.94 -2.08 -20.75
N LYS A 521 -17.09 -2.98 -21.71
CA LYS A 521 -16.25 -4.17 -21.76
C LYS A 521 -14.77 -3.87 -21.90
N GLU A 522 -14.43 -2.95 -22.81
CA GLU A 522 -13.01 -2.63 -23.03
C GLU A 522 -12.39 -1.96 -21.80
N MET A 523 -13.16 -1.12 -21.14
CA MET A 523 -12.70 -0.46 -19.91
C MET A 523 -12.46 -1.50 -18.83
N TYR A 524 -13.42 -2.40 -18.68
CA TYR A 524 -13.36 -3.44 -17.67
C TYR A 524 -12.11 -4.29 -17.86
N ILE A 525 -11.86 -4.69 -19.10
CA ILE A 525 -10.71 -5.53 -19.42
C ILE A 525 -9.41 -4.80 -19.06
N ARG A 526 -9.25 -3.56 -19.54
CA ARG A 526 -8.07 -2.78 -19.21
C ARG A 526 -7.86 -2.63 -17.70
N TRP A 527 -8.96 -2.44 -16.97
CA TRP A 527 -8.87 -2.26 -15.52
C TRP A 527 -8.39 -3.53 -14.83
N LEU A 528 -8.91 -4.67 -15.25
CA LEU A 528 -8.49 -5.93 -14.64
C LEU A 528 -7.10 -6.38 -15.09
N GLN A 529 -6.64 -5.89 -16.25
CA GLN A 529 -5.26 -6.12 -16.69
C GLN A 529 -4.27 -5.34 -15.82
N TYR A 530 -4.52 -4.04 -15.69
CA TYR A 530 -3.79 -3.20 -14.75
C TYR A 530 -3.81 -3.84 -13.35
N GLY A 531 -4.97 -4.38 -12.99
CA GLY A 531 -5.16 -5.02 -11.69
C GLY A 531 -4.06 -6.02 -11.33
N VAL A 532 -3.59 -6.76 -12.32
CA VAL A 532 -2.56 -7.78 -12.08
C VAL A 532 -1.28 -7.16 -11.50
N PHE A 533 -1.03 -5.90 -11.86
CA PHE A 533 0.21 -5.21 -11.54
C PHE A 533 -0.05 -4.07 -10.55
N GLN A 534 -1.01 -4.25 -9.67
CA GLN A 534 -1.19 -3.34 -8.54
C GLN A 534 -1.55 -4.18 -7.32
N PRO A 535 -1.52 -3.58 -6.12
CA PRO A 535 -1.36 -4.40 -4.89
C PRO A 535 -2.40 -5.45 -4.55
N VAL A 536 -3.69 -5.19 -4.76
CA VAL A 536 -4.70 -6.16 -4.33
C VAL A 536 -5.67 -6.46 -5.45
N TYR A 537 -5.81 -7.74 -5.77
CA TYR A 537 -6.61 -8.13 -6.95
C TYR A 537 -8.08 -8.31 -6.59
N ARG A 538 -8.81 -7.19 -6.50
CA ARG A 538 -10.18 -7.23 -6.00
C ARG A 538 -11.14 -6.44 -6.90
N PRO A 539 -11.62 -7.10 -7.96
CA PRO A 539 -12.72 -6.51 -8.75
C PRO A 539 -13.94 -6.39 -7.84
N HIS A 540 -14.64 -5.27 -7.92
CA HIS A 540 -15.78 -5.01 -7.04
C HIS A 540 -16.61 -3.88 -7.65
N GLY A 541 -17.92 -4.11 -7.75
CA GLY A 541 -18.81 -3.10 -8.29
C GLY A 541 -20.25 -3.34 -7.90
N GLN A 542 -21.09 -2.33 -8.07
CA GLN A 542 -22.52 -2.47 -7.78
C GLN A 542 -23.12 -3.53 -8.67
N ASP A 543 -23.97 -4.40 -8.09
CA ASP A 543 -24.26 -5.69 -8.71
C ASP A 543 -25.28 -5.70 -9.87
N HIS A 544 -25.69 -4.52 -10.34
CA HIS A 544 -26.49 -4.50 -11.58
C HIS A 544 -25.60 -4.76 -12.79
N ILE A 545 -24.29 -4.67 -12.58
CA ILE A 545 -23.32 -5.10 -13.59
C ILE A 545 -22.27 -5.98 -12.88
N PRO A 546 -22.01 -7.19 -13.40
CA PRO A 546 -21.09 -8.12 -12.72
C PRO A 546 -19.66 -7.56 -12.57
N SER A 547 -19.09 -7.65 -11.39
CA SER A 547 -17.70 -7.23 -11.19
C SER A 547 -16.68 -8.39 -11.26
N GLU A 548 -17.14 -9.60 -10.97
CA GLU A 548 -16.23 -10.77 -11.01
C GLU A 548 -15.93 -11.19 -12.45
N PRO A 549 -14.66 -11.54 -12.73
CA PRO A 549 -14.25 -11.93 -14.09
C PRO A 549 -14.92 -13.21 -14.59
N VAL A 550 -15.36 -14.06 -13.67
CA VAL A 550 -15.98 -15.33 -14.04
C VAL A 550 -17.37 -15.14 -14.64
N PHE A 551 -17.96 -13.96 -14.43
CA PHE A 551 -19.29 -13.68 -14.96
C PHE A 551 -19.23 -12.86 -16.25
N GLN A 552 -18.10 -12.86 -16.94
CA GLN A 552 -17.93 -12.05 -18.14
C GLN A 552 -18.09 -12.93 -19.38
N ASP A 553 -18.11 -12.32 -20.57
CA ASP A 553 -18.29 -13.12 -21.79
C ASP A 553 -17.05 -13.93 -22.14
N GLU A 554 -17.17 -14.80 -23.14
CA GLU A 554 -16.08 -15.72 -23.46
C GLU A 554 -14.77 -15.00 -23.81
N GLU A 555 -14.86 -13.97 -24.63
CA GLU A 555 -13.68 -13.20 -25.02
C GLU A 555 -12.99 -12.56 -23.81
N THR A 556 -13.80 -11.95 -22.95
CA THR A 556 -13.28 -11.34 -21.72
C THR A 556 -12.56 -12.39 -20.87
N LYS A 557 -13.19 -13.54 -20.71
CA LYS A 557 -12.57 -14.60 -19.89
C LYS A 557 -11.30 -15.16 -20.51
N ALA A 558 -11.32 -15.34 -21.83
CA ALA A 558 -10.14 -15.85 -22.53
C ALA A 558 -8.95 -14.91 -22.34
N ILE A 559 -9.25 -13.62 -22.25
CA ILE A 559 -8.22 -12.62 -22.04
C ILE A 559 -7.76 -12.60 -20.58
N LEU A 560 -8.71 -12.63 -19.66
CA LEU A 560 -8.37 -12.42 -18.25
C LEU A 560 -7.88 -13.69 -17.52
N ARG A 561 -8.37 -14.88 -17.92
CA ARG A 561 -8.00 -16.10 -17.20
C ARG A 561 -6.49 -16.29 -17.12
N PRO A 562 -5.78 -16.19 -18.25
CA PRO A 562 -4.33 -16.40 -18.14
C PRO A 562 -3.62 -15.31 -17.33
N LEU A 563 -4.22 -14.13 -17.27
CA LEU A 563 -3.68 -13.03 -16.49
C LEU A 563 -3.93 -13.19 -14.99
N VAL A 564 -5.10 -13.69 -14.61
CA VAL A 564 -5.32 -13.95 -13.19
C VAL A 564 -4.40 -15.11 -12.78
N LYS A 565 -4.24 -16.07 -13.68
CA LYS A 565 -3.28 -17.14 -13.39
C LYS A 565 -1.86 -16.61 -13.28
N LEU A 566 -1.49 -15.67 -14.16
CA LEU A 566 -0.18 -15.04 -14.09
C LEU A 566 0.07 -14.38 -12.73
N ARG A 567 -0.95 -13.68 -12.23
CA ARG A 567 -0.89 -13.10 -10.89
C ARG A 567 -0.42 -14.14 -9.87
N TYR A 568 -0.98 -15.34 -9.93
CA TYR A 568 -0.59 -16.40 -9.02
C TYR A 568 0.81 -16.97 -9.35
N ARG A 569 1.11 -17.14 -10.63
CA ARG A 569 2.43 -17.63 -11.02
C ARG A 569 3.52 -16.67 -10.52
N MET A 570 3.20 -15.38 -10.50
CA MET A 570 4.11 -14.32 -10.05
C MET A 570 4.16 -14.11 -8.53
N LEU A 571 3.48 -14.95 -7.75
CA LEU A 571 3.49 -14.74 -6.31
C LEU A 571 4.90 -14.56 -5.69
N PRO A 572 5.89 -15.35 -6.15
CA PRO A 572 7.21 -15.12 -5.53
C PRO A 572 7.74 -13.70 -5.75
N TYR A 573 7.47 -13.12 -6.92
CA TYR A 573 7.85 -11.73 -7.20
C TYR A 573 7.10 -10.74 -6.29
N ILE A 574 5.78 -10.88 -6.24
CA ILE A 574 4.96 -9.95 -5.48
C ILE A 574 5.19 -10.08 -3.97
N TYR A 575 5.21 -11.31 -3.48
CA TYR A 575 5.38 -11.58 -2.07
C TYR A 575 6.75 -11.12 -1.60
N THR A 576 7.74 -11.21 -2.48
CA THR A 576 9.06 -10.67 -2.14
C THR A 576 9.04 -9.13 -2.03
N ALA A 577 8.32 -8.45 -2.92
CA ALA A 577 8.15 -7.00 -2.80
C ALA A 577 7.41 -6.63 -1.52
N ALA A 578 6.45 -7.47 -1.11
CA ALA A 578 5.70 -7.26 0.13
C ALA A 578 6.63 -7.36 1.34
N TYR A 579 7.46 -8.40 1.34
CA TYR A 579 8.53 -8.57 2.32
C TYR A 579 9.39 -7.31 2.41
N GLN A 580 9.82 -6.77 1.27
CA GLN A 580 10.64 -5.56 1.28
C GLN A 580 9.83 -4.38 1.83
N ASN A 581 8.54 -4.33 1.53
CA ASN A 581 7.71 -3.27 2.08
C ASN A 581 7.64 -3.31 3.61
N THR A 582 7.53 -4.53 4.15
CA THR A 582 7.53 -4.69 5.61
C THR A 582 8.89 -4.31 6.19
N LEU A 583 9.96 -4.61 5.47
CA LEU A 583 11.31 -4.32 5.96
C LEU A 583 11.64 -2.82 5.96
N THR A 584 11.26 -2.12 4.90
CA THR A 584 11.81 -0.79 4.64
C THR A 584 10.76 0.26 4.26
N GLY A 585 9.52 -0.15 4.12
CA GLY A 585 8.47 0.76 3.67
C GLY A 585 8.45 0.91 2.15
N MET A 586 9.41 0.31 1.45
CA MET A 586 9.44 0.39 -0.01
C MET A 586 8.09 -0.04 -0.59
N PRO A 587 7.40 0.87 -1.28
CA PRO A 587 6.08 0.54 -1.83
C PRO A 587 6.17 -0.46 -2.97
N LEU A 588 5.10 -1.20 -3.20
CA LEU A 588 5.08 -2.20 -4.27
C LEU A 588 5.02 -1.50 -5.63
N MET A 589 4.23 -0.44 -5.70
CA MET A 589 4.22 0.45 -6.86
C MET A 589 5.17 1.61 -6.58
N ARG A 590 6.12 1.84 -7.48
CA ARG A 590 7.03 2.97 -7.34
C ARG A 590 6.86 3.92 -8.52
N PRO A 591 6.98 5.22 -8.26
CA PRO A 591 6.79 6.18 -9.34
C PRO A 591 7.97 6.20 -10.30
N LEU A 592 7.75 6.69 -11.51
CA LEU A 592 8.81 6.79 -12.50
C LEU A 592 9.98 7.61 -11.95
N PHE A 593 9.67 8.62 -11.13
CA PHE A 593 10.71 9.53 -10.66
C PHE A 593 11.81 8.88 -9.79
N PHE A 594 11.54 7.69 -9.26
CA PHE A 594 12.58 6.96 -8.55
C PHE A 594 13.76 6.66 -9.49
N SER A 595 13.51 6.59 -10.79
CA SER A 595 14.53 6.17 -11.76
C SER A 595 15.63 7.19 -11.96
N ASP A 596 15.35 8.45 -11.64
CA ASP A 596 16.34 9.52 -11.76
C ASP A 596 15.99 10.65 -10.80
N GLU A 597 16.62 10.64 -9.62
CA GLU A 597 16.27 11.60 -8.58
C GLU A 597 16.75 13.01 -8.87
N LYS A 598 17.56 13.16 -9.90
CA LYS A 598 18.09 14.47 -10.29
C LYS A 598 17.25 15.10 -11.39
N ASN A 599 16.20 14.39 -11.80
CA ASN A 599 15.31 14.90 -12.85
C ASN A 599 13.91 15.13 -12.27
N PRO A 600 13.68 16.32 -11.70
CA PRO A 600 12.45 16.60 -10.96
C PRO A 600 11.22 16.59 -11.86
N ALA A 601 11.39 16.87 -13.15
CA ALA A 601 10.29 16.79 -14.11
C ALA A 601 9.60 15.43 -14.13
N LEU A 602 10.32 14.38 -13.77
CA LEU A 602 9.73 13.03 -13.75
C LEU A 602 8.63 12.91 -12.72
N ILE A 603 8.70 13.75 -11.68
CA ILE A 603 7.69 13.75 -10.63
C ILE A 603 6.26 13.88 -11.18
N ASP A 604 6.10 14.59 -12.29
CA ASP A 604 4.76 14.77 -12.87
C ASP A 604 4.14 13.52 -13.47
N ASN A 605 4.95 12.50 -13.74
CA ASN A 605 4.43 11.33 -14.42
C ASN A 605 3.45 10.50 -13.60
N LYS A 606 2.23 10.34 -14.13
CA LYS A 606 1.20 9.56 -13.45
C LYS A 606 0.66 8.46 -14.37
N THR A 607 1.44 8.09 -15.39
CA THR A 607 0.97 7.18 -16.42
C THR A 607 1.80 5.89 -16.57
N SER A 608 3.06 5.90 -16.13
CA SER A 608 3.88 4.68 -16.07
C SER A 608 4.42 4.55 -14.65
N TYR A 609 4.57 3.32 -14.15
CA TYR A 609 5.10 3.14 -12.80
C TYR A 609 5.84 1.82 -12.73
N PHE A 610 6.65 1.64 -11.70
CA PHE A 610 7.33 0.35 -11.48
C PHE A 610 6.52 -0.55 -10.57
N TRP A 611 6.34 -1.80 -10.98
CA TRP A 611 5.71 -2.81 -10.15
C TRP A 611 6.89 -3.66 -9.69
N GLY A 612 7.26 -3.51 -8.43
CA GLY A 612 8.51 -4.09 -7.95
C GLY A 612 9.70 -3.40 -8.62
N ASP A 613 10.87 -4.01 -8.54
CA ASP A 613 12.07 -3.38 -9.09
C ASP A 613 12.17 -3.42 -10.61
N SER A 614 11.55 -4.42 -11.23
CA SER A 614 11.95 -4.81 -12.57
C SER A 614 10.96 -4.56 -13.70
N LEU A 615 9.71 -4.23 -13.36
CA LEU A 615 8.68 -4.07 -14.39
C LEU A 615 8.19 -2.63 -14.45
N LEU A 616 8.32 -2.05 -15.64
CA LEU A 616 7.78 -0.71 -15.93
C LEU A 616 6.44 -0.91 -16.63
N VAL A 617 5.38 -0.51 -15.96
CA VAL A 617 4.02 -0.80 -16.40
C VAL A 617 3.36 0.49 -16.87
N THR A 618 2.67 0.44 -18.02
CA THR A 618 1.95 1.60 -18.55
C THR A 618 0.49 1.22 -18.86
N PRO A 619 -0.40 1.37 -17.87
CA PRO A 619 -1.80 0.98 -18.08
C PRO A 619 -2.41 1.73 -19.26
N ILE A 620 -3.29 1.05 -19.99
CA ILE A 620 -4.06 1.71 -21.04
C ILE A 620 -5.31 2.28 -20.37
N THR A 621 -5.54 3.58 -20.52
CA THR A 621 -6.60 4.26 -19.78
C THR A 621 -7.56 5.05 -20.65
N GLN A 622 -7.60 4.71 -21.93
CA GLN A 622 -8.56 5.28 -22.86
C GLN A 622 -8.96 4.20 -23.85
N ALA A 623 -10.15 4.32 -24.43
CA ALA A 623 -10.61 3.33 -25.39
C ALA A 623 -9.87 3.47 -26.71
N GLY A 624 -9.66 2.36 -27.40
CA GLY A 624 -9.11 2.35 -28.75
C GLY A 624 -7.67 2.80 -28.95
N VAL A 625 -6.91 2.95 -27.88
CA VAL A 625 -5.50 3.31 -27.98
C VAL A 625 -4.73 2.28 -28.79
N GLU A 626 -4.10 2.70 -29.88
CA GLU A 626 -3.38 1.76 -30.77
C GLU A 626 -1.88 1.62 -30.51
N SER A 627 -1.31 2.59 -29.80
CA SER A 627 0.11 2.52 -29.45
C SER A 627 0.36 3.42 -28.27
N VAL A 628 1.49 3.21 -27.60
CA VAL A 628 1.85 4.00 -26.43
C VAL A 628 3.31 4.48 -26.54
N SER A 629 3.58 5.67 -26.00
CA SER A 629 4.94 6.17 -25.88
C SER A 629 5.39 5.99 -24.45
N ILE A 630 6.37 5.11 -24.23
CA ILE A 630 6.81 4.77 -22.88
C ILE A 630 8.11 5.49 -22.53
N PRO A 631 8.07 6.35 -21.49
CA PRO A 631 9.25 7.12 -21.12
C PRO A 631 10.23 6.28 -20.31
N ALA A 632 10.70 5.19 -20.92
CA ALA A 632 11.59 4.28 -20.22
C ALA A 632 12.89 4.98 -19.85
N PRO A 633 13.36 4.79 -18.62
CA PRO A 633 14.68 5.33 -18.26
C PRO A 633 15.76 4.80 -19.21
N LYS A 634 16.82 5.58 -19.36
CA LYS A 634 17.96 5.17 -20.17
C LYS A 634 18.41 3.75 -19.77
N GLY A 635 18.62 2.88 -20.75
CA GLY A 635 19.08 1.54 -20.47
C GLY A 635 18.52 0.52 -21.43
N VAL A 636 18.60 -0.74 -21.06
CA VAL A 636 18.08 -1.81 -21.90
C VAL A 636 16.81 -2.39 -21.28
N TRP A 637 15.79 -2.57 -22.13
CA TRP A 637 14.46 -2.99 -21.68
C TRP A 637 13.93 -4.07 -22.61
N PHE A 638 13.13 -4.99 -22.07
CA PHE A 638 12.53 -6.05 -22.90
C PHE A 638 11.02 -6.01 -22.79
N ASP A 639 10.36 -6.30 -23.91
CA ASP A 639 8.91 -6.45 -23.92
C ASP A 639 8.54 -7.69 -23.10
N PHE A 640 7.81 -7.49 -22.00
CA PHE A 640 7.47 -8.59 -21.09
C PHE A 640 6.73 -9.71 -21.81
N TRP A 641 5.88 -9.32 -22.75
CA TRP A 641 5.04 -10.30 -23.46
C TRP A 641 5.72 -10.96 -24.65
N LYS A 642 6.62 -10.23 -25.30
CA LYS A 642 7.13 -10.67 -26.62
C LYS A 642 8.65 -10.89 -26.64
N ASP A 643 9.31 -10.55 -25.53
CA ASP A 643 10.75 -10.78 -25.37
C ASP A 643 11.62 -9.84 -26.21
N THR A 644 10.99 -8.97 -27.00
CA THR A 644 11.70 -7.99 -27.81
C THR A 644 12.66 -7.13 -26.98
N ARG A 645 13.88 -6.96 -27.46
CA ARG A 645 14.88 -6.14 -26.75
C ARG A 645 14.90 -4.71 -27.27
N TYR A 646 14.82 -3.75 -26.36
CA TYR A 646 14.91 -2.34 -26.70
C TYR A 646 16.08 -1.73 -25.97
N GLN A 647 16.76 -0.79 -26.61
CA GLN A 647 17.80 -0.03 -25.93
C GLN A 647 17.48 1.44 -26.14
N THR A 648 17.68 2.27 -25.12
CA THR A 648 17.42 3.68 -25.27
C THR A 648 18.38 4.52 -24.43
N ASP A 649 18.82 5.64 -25.00
CA ASP A 649 19.67 6.57 -24.27
C ASP A 649 18.87 7.74 -23.71
N GLY A 650 17.55 7.61 -23.72
CA GLY A 650 16.71 8.67 -23.18
C GLY A 650 15.37 8.86 -23.88
N ALA A 651 15.36 8.74 -25.21
CA ALA A 651 14.12 8.92 -25.96
C ALA A 651 13.10 7.83 -25.60
N PRO A 652 11.82 8.20 -25.55
CA PRO A 652 10.80 7.20 -25.17
C PRO A 652 10.71 6.06 -26.19
N LEU A 653 10.08 4.96 -25.78
CA LEU A 653 9.91 3.81 -26.65
C LEU A 653 8.46 3.72 -27.09
N THR A 654 8.22 3.51 -28.37
CA THR A 654 6.85 3.41 -28.87
C THR A 654 6.48 1.95 -29.06
N LEU A 655 5.46 1.51 -28.33
CA LEU A 655 4.97 0.14 -28.48
C LEU A 655 3.52 0.11 -28.91
N PRO A 656 3.18 -0.83 -29.79
CA PRO A 656 1.79 -1.01 -30.23
C PRO A 656 1.02 -1.68 -29.12
N THR A 657 -0.29 -1.47 -29.08
CA THR A 657 -1.13 -2.09 -28.06
C THR A 657 -1.90 -3.25 -28.67
N ASP A 658 -2.40 -4.13 -27.81
CA ASP A 658 -3.35 -5.15 -28.22
C ASP A 658 -4.38 -5.30 -27.11
N LEU A 659 -5.47 -6.01 -27.36
CA LEU A 659 -6.53 -6.06 -26.37
C LEU A 659 -6.22 -7.06 -25.25
N HIS A 660 -5.30 -7.99 -25.51
CA HIS A 660 -5.08 -9.04 -24.53
C HIS A 660 -4.00 -8.73 -23.48
N THR A 661 -3.24 -7.64 -23.68
CA THR A 661 -2.24 -7.24 -22.69
C THR A 661 -2.22 -5.72 -22.50
N ILE A 662 -1.48 -5.26 -21.51
CA ILE A 662 -1.10 -3.85 -21.45
C ILE A 662 0.43 -3.81 -21.46
N PRO A 663 1.00 -2.69 -21.92
CA PRO A 663 2.45 -2.63 -22.13
C PRO A 663 3.25 -2.68 -20.82
N VAL A 664 4.17 -3.64 -20.77
CA VAL A 664 5.01 -3.90 -19.62
C VAL A 664 6.41 -4.17 -20.13
N LEU A 665 7.39 -3.42 -19.63
CA LEU A 665 8.78 -3.63 -20.00
C LEU A 665 9.56 -4.17 -18.83
N VAL A 666 10.47 -5.12 -19.10
CA VAL A 666 11.33 -5.70 -18.07
C VAL A 666 12.73 -5.08 -18.16
N LYS A 667 13.25 -4.67 -17.00
CA LYS A 667 14.57 -4.07 -16.91
C LYS A 667 15.65 -5.13 -17.13
N ALA A 668 16.62 -4.84 -17.98
CA ALA A 668 17.74 -5.75 -18.16
C ALA A 668 18.36 -6.00 -16.78
N GLY A 669 18.70 -7.26 -16.49
CA GLY A 669 19.28 -7.61 -15.20
C GLY A 669 18.24 -8.18 -14.26
N ALA A 670 16.97 -8.15 -14.68
CA ALA A 670 15.88 -8.66 -13.85
C ALA A 670 15.94 -10.16 -13.69
N PHE A 671 15.71 -10.66 -12.47
CA PHE A 671 15.38 -12.07 -12.25
C PHE A 671 13.88 -12.13 -11.97
N MET A 672 13.12 -12.72 -12.86
CA MET A 672 11.67 -12.82 -12.69
C MET A 672 11.34 -14.26 -12.28
N PRO A 673 10.89 -14.44 -11.03
CA PRO A 673 10.64 -15.77 -10.48
C PRO A 673 9.16 -16.17 -10.58
N TYR A 674 8.92 -17.43 -10.93
CA TYR A 674 7.56 -17.95 -11.05
C TYR A 674 7.42 -19.33 -10.41
N VAL A 675 6.21 -19.61 -9.92
CA VAL A 675 5.82 -20.96 -9.54
C VAL A 675 4.61 -21.36 -10.38
N PRO A 676 4.29 -22.66 -10.41
CA PRO A 676 3.11 -23.08 -11.17
C PRO A 676 1.85 -22.44 -10.58
N ALA A 677 0.90 -22.11 -11.45
CA ALA A 677 -0.37 -21.54 -11.01
C ALA A 677 -1.08 -22.53 -10.08
N VAL A 678 -1.68 -22.02 -9.01
CA VAL A 678 -2.57 -22.81 -8.17
C VAL A 678 -3.93 -22.10 -8.15
N SER A 679 -4.96 -22.78 -7.67
CA SER A 679 -6.29 -22.14 -7.57
C SER A 679 -6.45 -21.29 -6.33
N THR A 680 -5.66 -21.59 -5.30
CA THR A 680 -5.72 -20.84 -4.05
C THR A 680 -4.36 -20.89 -3.40
N THR A 681 -3.97 -19.80 -2.74
CA THR A 681 -2.67 -19.76 -2.06
C THR A 681 -2.55 -20.80 -0.95
N GLU A 682 -3.66 -21.40 -0.52
CA GLU A 682 -3.56 -22.47 0.47
C GLU A 682 -2.80 -23.67 -0.10
N ASP A 683 -2.78 -23.75 -1.43
CA ASP A 683 -2.12 -24.85 -2.13
C ASP A 683 -0.74 -24.45 -2.62
N TYR A 684 -0.28 -23.26 -2.24
CA TYR A 684 0.99 -22.73 -2.77
C TYR A 684 2.17 -23.68 -2.48
N ARG A 685 2.95 -23.99 -3.51
CA ARG A 685 4.20 -24.75 -3.34
C ARG A 685 5.29 -24.12 -4.20
N SER A 686 6.52 -24.18 -3.71
CA SER A 686 7.65 -23.72 -4.51
C SER A 686 8.64 -24.84 -4.77
N ASP A 687 8.16 -26.08 -4.75
CA ASP A 687 9.00 -27.22 -5.11
C ASP A 687 9.55 -27.08 -6.54
N SER A 688 8.79 -26.39 -7.38
CA SER A 688 9.16 -26.14 -8.76
C SER A 688 9.31 -24.64 -8.96
N LEU A 689 10.51 -24.19 -9.32
CA LEU A 689 10.72 -22.77 -9.59
C LEU A 689 11.09 -22.58 -11.04
N GLU A 690 10.59 -21.50 -11.64
CA GLU A 690 11.02 -21.12 -12.98
C GLU A 690 11.42 -19.65 -12.92
N ILE A 691 12.67 -19.39 -13.25
CA ILE A 691 13.22 -18.04 -13.10
C ILE A 691 13.75 -17.54 -14.43
N HIS A 692 13.35 -16.33 -14.82
CA HIS A 692 13.80 -15.77 -16.07
C HIS A 692 14.73 -14.61 -15.81
N TYR A 693 15.94 -14.73 -16.35
CA TYR A 693 16.96 -13.69 -16.19
C TYR A 693 17.15 -12.97 -17.52
N TYR A 694 17.11 -11.64 -17.46
CA TYR A 694 17.16 -10.83 -18.68
C TYR A 694 18.58 -10.29 -18.86
N ALA A 695 19.39 -11.04 -19.60
CA ALA A 695 20.81 -10.73 -19.71
C ALA A 695 21.09 -9.60 -20.70
N ASP A 696 22.02 -8.73 -20.32
CA ASP A 696 22.58 -7.77 -21.27
C ASP A 696 23.92 -7.30 -20.75
N ALA A 697 24.91 -7.20 -21.64
CA ALA A 697 26.26 -6.84 -21.22
C ALA A 697 26.29 -5.47 -20.52
N SER A 698 25.24 -4.67 -20.73
CA SER A 698 25.17 -3.35 -20.13
C SER A 698 24.94 -3.44 -18.63
N VAL A 699 24.62 -4.64 -18.16
CA VAL A 699 24.39 -4.88 -16.74
C VAL A 699 25.37 -5.95 -16.26
N PRO A 700 26.58 -5.53 -15.84
CA PRO A 700 27.62 -6.50 -15.51
C PRO A 700 27.40 -7.18 -14.16
N LEU A 701 26.52 -6.61 -13.35
CA LEU A 701 26.19 -7.18 -12.04
C LEU A 701 24.71 -7.04 -11.77
N ALA A 702 24.06 -8.14 -11.41
CA ALA A 702 22.63 -8.10 -11.10
C ALA A 702 22.31 -9.00 -9.92
N GLN A 703 21.30 -8.61 -9.16
CA GLN A 703 20.91 -9.41 -8.01
C GLN A 703 19.40 -9.58 -7.95
N GLY A 704 18.99 -10.74 -7.45
CA GLY A 704 17.59 -11.03 -7.27
C GLY A 704 17.41 -11.76 -5.95
N GLU A 705 16.21 -11.68 -5.41
CA GLU A 705 15.94 -12.44 -4.18
C GLU A 705 14.50 -12.96 -4.25
N ILE A 706 14.25 -14.06 -3.55
CA ILE A 706 12.92 -14.64 -3.42
C ILE A 706 12.70 -14.97 -1.95
N PHE A 707 11.70 -14.34 -1.36
CA PHE A 707 11.38 -14.56 0.06
C PHE A 707 10.30 -15.62 0.20
N GLU A 708 10.60 -16.70 0.91
CA GLU A 708 9.63 -17.77 1.13
CA GLU A 708 9.65 -17.79 1.13
C GLU A 708 9.46 -18.06 2.62
N ASP A 709 8.20 -18.10 3.07
CA ASP A 709 7.91 -18.52 4.42
C ASP A 709 6.60 -19.30 4.38
N ASP A 710 5.96 -19.54 5.53
CA ASP A 710 4.76 -20.37 5.48
C ASP A 710 3.51 -19.62 4.99
N GLY A 711 3.68 -18.35 4.62
CA GLY A 711 2.59 -17.53 4.11
C GLY A 711 1.64 -17.00 5.17
N LYS A 712 1.88 -17.34 6.44
CA LYS A 712 0.86 -17.04 7.46
C LYS A 712 1.38 -16.57 8.82
N ASP A 713 2.61 -16.93 9.18
CA ASP A 713 3.16 -16.61 10.52
C ASP A 713 3.49 -15.13 10.68
N PRO A 714 2.79 -14.43 11.59
CA PRO A 714 3.08 -12.99 11.73
C PRO A 714 4.49 -12.72 12.26
N ASN A 715 5.12 -13.74 12.83
CA ASN A 715 6.45 -13.59 13.41
C ASN A 715 7.56 -14.18 12.55
N SER A 716 7.25 -14.57 11.33
CA SER A 716 8.23 -15.26 10.50
C SER A 716 9.49 -14.41 10.27
N ILE A 717 9.31 -13.11 10.03
CA ILE A 717 10.48 -12.27 9.74
C ILE A 717 11.32 -12.05 10.99
N LYS A 718 10.68 -11.71 12.09
CA LYS A 718 11.38 -11.41 13.33
C LYS A 718 12.14 -12.63 13.87
N ARG A 719 11.58 -13.81 13.65
CA ARG A 719 12.20 -15.04 14.14
C ARG A 719 13.08 -15.74 13.11
N ASN A 720 13.24 -15.13 11.93
CA ASN A 720 14.04 -15.73 10.86
C ASN A 720 13.50 -17.08 10.39
N GLN A 721 12.20 -17.28 10.55
CA GLN A 721 11.56 -18.51 10.10
C GLN A 721 11.20 -18.36 8.63
N PHE A 722 12.22 -18.21 7.80
CA PHE A 722 11.98 -18.07 6.38
C PHE A 722 13.12 -18.68 5.57
N ASP A 723 12.92 -18.75 4.27
CA ASP A 723 13.91 -19.29 3.34
C ASP A 723 14.11 -18.17 2.33
N LEU A 724 15.24 -17.47 2.44
CA LEU A 724 15.51 -16.34 1.56
C LEU A 724 16.48 -16.77 0.47
N LEU A 725 15.98 -16.86 -0.76
CA LEU A 725 16.78 -17.29 -1.88
C LEU A 725 17.44 -16.08 -2.52
N THR A 726 18.74 -16.17 -2.81
CA THR A 726 19.42 -15.06 -3.47
C THR A 726 20.05 -15.51 -4.77
N LEU A 727 20.01 -14.64 -5.76
CA LEU A 727 20.64 -14.89 -7.05
C LEU A 727 21.51 -13.71 -7.41
N GLN A 728 22.73 -13.99 -7.86
CA GLN A 728 23.62 -12.94 -8.31
C GLN A 728 24.16 -13.29 -9.67
N ALA A 729 24.01 -12.38 -10.64
CA ALA A 729 24.58 -12.60 -11.96
C ALA A 729 25.79 -11.70 -12.15
N THR A 730 26.84 -12.27 -12.73
CA THR A 730 28.05 -11.52 -13.08
C THR A 730 28.29 -11.71 -14.57
N HIS A 731 28.17 -10.62 -15.32
CA HIS A 731 28.14 -10.72 -16.77
C HIS A 731 29.33 -9.96 -17.36
N THR A 732 30.30 -10.69 -17.89
CA THR A 732 31.47 -10.08 -18.50
C THR A 732 31.52 -10.43 -19.98
N ASP A 733 32.58 -10.00 -20.67
CA ASP A 733 32.69 -10.20 -22.11
C ASP A 733 32.63 -11.67 -22.49
N ASN A 734 33.23 -12.52 -21.67
CA ASN A 734 33.37 -13.92 -22.04
C ASN A 734 32.71 -14.91 -21.08
N GLN A 735 32.03 -14.40 -20.07
CA GLN A 735 31.42 -15.30 -19.09
C GLN A 735 30.13 -14.73 -18.54
N LEU A 736 29.22 -15.61 -18.17
CA LEU A 736 28.05 -15.22 -17.42
C LEU A 736 27.93 -16.25 -16.30
N HIS A 737 28.06 -15.80 -15.06
CA HIS A 737 27.94 -16.76 -13.98
C HIS A 737 26.92 -16.34 -12.93
N PHE A 738 26.27 -17.35 -12.36
CA PHE A 738 25.20 -17.12 -11.39
C PHE A 738 25.62 -17.75 -10.08
N GLN A 739 25.47 -17.01 -9.00
CA GLN A 739 25.73 -17.55 -7.68
C GLN A 739 24.39 -17.63 -6.95
N LEU A 740 24.01 -18.83 -6.53
CA LEU A 740 22.73 -19.04 -5.85
C LEU A 740 22.94 -19.48 -4.41
N ALA A 741 22.16 -18.92 -3.49
CA ALA A 741 22.32 -19.23 -2.07
C ALA A 741 20.99 -19.12 -1.35
N ARG A 742 20.93 -19.67 -0.14
CA ARG A 742 19.73 -19.53 0.70
C ARG A 742 20.14 -19.23 2.12
N THR A 743 19.43 -18.31 2.77
CA THR A 743 19.61 -18.06 4.21
C THR A 743 18.29 -18.17 4.94
N GLY A 744 18.34 -18.03 6.26
CA GLY A 744 17.17 -18.15 7.11
C GLY A 744 17.08 -19.52 7.73
N LYS A 745 16.28 -19.65 8.78
CA LYS A 745 16.19 -20.90 9.52
C LYS A 745 15.18 -21.85 8.89
N GLY A 746 14.54 -21.39 7.82
CA GLY A 746 13.53 -22.19 7.15
C GLY A 746 12.23 -22.22 7.92
N TYR A 747 11.31 -23.09 7.50
CA TYR A 747 10.00 -23.15 8.11
C TYR A 747 9.39 -24.52 7.83
N ARG A 748 8.31 -24.83 8.53
CA ARG A 748 7.65 -26.13 8.40
C ARG A 748 7.11 -26.32 6.99
N GLY A 749 7.58 -27.36 6.31
CA GLY A 749 7.13 -27.65 4.96
C GLY A 749 8.00 -27.04 3.86
N MET A 750 9.02 -26.30 4.24
CA MET A 750 9.95 -25.74 3.25
C MET A 750 10.57 -26.88 2.43
N PRO A 751 10.61 -26.74 1.11
CA PRO A 751 11.31 -27.79 0.35
C PRO A 751 12.84 -27.75 0.55
N GLU A 752 13.45 -28.89 0.80
CA GLU A 752 14.92 -28.94 0.87
C GLU A 752 15.54 -28.70 -0.51
N ARG A 753 14.92 -29.29 -1.54
CA ARG A 753 15.45 -29.18 -2.89
C ARG A 753 14.36 -28.75 -3.86
N ARG A 754 14.62 -27.68 -4.60
CA ARG A 754 13.66 -27.19 -5.59
C ARG A 754 14.16 -27.48 -7.01
N ALA A 755 13.32 -28.10 -7.82
CA ALA A 755 13.61 -28.23 -9.25
C ALA A 755 13.53 -26.83 -9.85
N THR A 756 14.62 -26.41 -10.48
CA THR A 756 14.70 -25.04 -10.96
C THR A 756 15.00 -25.01 -12.47
N THR A 757 14.23 -24.21 -13.18
CA THR A 757 14.47 -23.95 -14.60
C THR A 757 14.85 -22.49 -14.72
N LEU A 758 16.09 -22.24 -15.11
CA LEU A 758 16.56 -20.86 -15.28
C LEU A 758 16.58 -20.55 -16.78
N VAL A 759 15.80 -19.56 -17.20
CA VAL A 759 15.72 -19.23 -18.63
C VAL A 759 16.41 -17.88 -18.83
N ILE A 760 17.53 -17.90 -19.55
CA ILE A 760 18.31 -16.69 -19.78
C ILE A 760 17.94 -16.06 -21.11
N HIS A 761 17.29 -14.90 -21.06
CA HIS A 761 16.86 -14.20 -22.26
C HIS A 761 18.02 -13.37 -22.78
N ASN A 762 18.03 -13.16 -24.10
CA ASN A 762 19.10 -12.44 -24.78
C ASN A 762 20.46 -13.05 -24.48
N ALA A 763 20.49 -14.37 -24.32
CA ALA A 763 21.74 -15.08 -24.09
C ALA A 763 22.61 -15.11 -25.34
N SER A 764 23.92 -14.94 -25.15
CA SER A 764 24.89 -15.02 -26.23
C SER A 764 24.80 -16.36 -26.94
N ASP A 765 25.01 -16.37 -28.25
CA ASP A 765 25.07 -17.64 -28.96
C ASP A 765 26.50 -18.20 -28.96
N GLN A 766 27.36 -17.63 -28.13
CA GLN A 766 28.77 -17.98 -28.09
C GLN A 766 29.21 -18.81 -26.88
N TYR A 767 28.30 -19.08 -25.95
CA TYR A 767 28.65 -19.92 -24.80
C TYR A 767 28.85 -21.36 -25.26
N GLN A 768 30.02 -21.90 -24.97
CA GLN A 768 30.37 -23.25 -25.37
C GLN A 768 30.14 -24.24 -24.23
N HIS A 769 30.39 -23.81 -23.00
CA HIS A 769 30.22 -24.74 -21.90
C HIS A 769 29.67 -24.12 -20.63
N LEU A 770 29.21 -25.00 -19.76
CA LEU A 770 28.62 -24.65 -18.48
C LEU A 770 29.35 -25.46 -17.42
N ASP A 771 29.74 -24.80 -16.33
CA ASP A 771 30.25 -25.50 -15.15
C ASP A 771 29.20 -25.31 -14.07
N ILE A 772 28.79 -26.40 -13.42
CA ILE A 772 27.97 -26.27 -12.21
C ILE A 772 28.81 -26.72 -11.03
N ASN A 773 29.15 -25.78 -10.15
CA ASN A 773 30.07 -26.07 -9.05
C ASN A 773 31.36 -26.77 -9.51
N GLY A 774 31.82 -26.45 -10.72
CA GLY A 774 33.07 -26.98 -11.24
C GLY A 774 32.96 -28.19 -12.15
N LYS A 775 31.77 -28.79 -12.20
CA LYS A 775 31.51 -29.91 -13.10
C LYS A 775 31.06 -29.40 -14.47
N THR A 776 31.86 -29.66 -15.50
CA THR A 776 31.61 -29.16 -16.85
C THR A 776 30.49 -29.95 -17.53
N ILE A 777 29.54 -29.22 -18.12
CA ILE A 777 28.38 -29.80 -18.78
C ILE A 777 28.20 -29.20 -20.17
N ALA A 778 28.00 -30.03 -21.19
CA ALA A 778 27.79 -29.52 -22.56
C ALA A 778 26.45 -28.79 -22.73
N ILE A 779 26.44 -27.75 -23.55
CA ILE A 779 25.22 -27.01 -23.85
C ILE A 779 24.70 -27.45 -25.20
N ALA A 780 23.52 -28.08 -25.21
CA ALA A 780 22.90 -28.54 -26.46
C ALA A 780 22.46 -27.34 -27.28
N GLN A 781 22.40 -27.48 -28.60
CA GLN A 781 22.14 -26.32 -29.46
C GLN A 781 20.92 -26.59 -30.35
N ALA A 782 20.06 -27.49 -29.90
CA ALA A 782 18.88 -27.88 -30.67
C ALA A 782 17.91 -28.61 -29.78
N ASP A 783 16.63 -28.61 -30.16
CA ASP A 783 15.62 -29.45 -29.52
C ASP A 783 15.47 -29.14 -28.04
N CYS A 784 15.64 -27.87 -27.67
CA CYS A 784 15.61 -27.51 -26.25
C CYS A 784 14.24 -27.76 -25.62
N ALA A 785 13.18 -27.57 -26.39
CA ALA A 785 11.83 -27.75 -25.87
C ALA A 785 11.39 -29.22 -25.93
N SER A 786 12.13 -30.04 -26.67
CA SER A 786 11.72 -31.42 -26.93
C SER A 786 12.65 -32.51 -26.33
N THR A 787 13.49 -32.13 -25.38
CA THR A 787 14.36 -33.10 -24.70
C THR A 787 14.53 -32.66 -23.24
N PRO A 788 14.79 -33.63 -22.33
CA PRO A 788 15.00 -33.27 -20.92
C PRO A 788 16.41 -32.74 -20.65
N ALA A 789 16.86 -31.81 -21.47
CA ALA A 789 18.24 -31.33 -21.44
C ALA A 789 18.57 -30.53 -20.19
N LEU A 790 19.76 -30.72 -19.66
CA LEU A 790 20.20 -29.94 -18.51
C LEU A 790 20.53 -28.51 -18.96
N ALA A 791 21.15 -28.36 -20.13
CA ALA A 791 21.48 -27.03 -20.65
C ALA A 791 21.27 -27.00 -22.14
N CYS A 792 20.48 -26.05 -22.61
CA CYS A 792 20.19 -26.00 -24.03
C CYS A 792 19.98 -24.56 -24.49
N TYR A 793 20.52 -24.25 -25.67
CA TYR A 793 20.37 -22.92 -26.25
C TYR A 793 19.42 -22.99 -27.43
N ASP A 794 18.41 -22.12 -27.40
CA ASP A 794 17.40 -22.02 -28.43
C ASP A 794 17.78 -20.82 -29.30
N GLN A 795 18.31 -21.09 -30.49
CA GLN A 795 18.88 -20.04 -31.33
C GLN A 795 17.84 -19.08 -31.89
N GLU A 796 16.64 -19.60 -32.11
CA GLU A 796 15.56 -18.78 -32.67
C GLU A 796 15.04 -17.80 -31.63
N ARG A 797 15.06 -18.20 -30.35
CA ARG A 797 14.56 -17.34 -29.28
C ARG A 797 15.65 -16.60 -28.51
N ARG A 798 16.91 -16.92 -28.79
CA ARG A 798 18.03 -16.36 -28.03
C ARG A 798 17.83 -16.61 -26.55
N GLN A 799 17.34 -17.80 -26.21
CA GLN A 799 17.15 -18.18 -24.82
C GLN A 799 18.01 -19.40 -24.50
N LEU A 800 18.73 -19.31 -23.38
CA LEU A 800 19.52 -20.44 -22.89
C LEU A 800 18.85 -20.95 -21.62
N GLN A 801 18.43 -22.22 -21.64
CA GLN A 801 17.73 -22.80 -20.48
C GLN A 801 18.61 -23.75 -19.70
N LEU A 802 18.66 -23.56 -18.39
CA LEU A 802 19.38 -24.46 -17.50
C LEU A 802 18.38 -25.10 -16.54
N VAL A 803 18.42 -26.42 -16.40
CA VAL A 803 17.51 -27.09 -15.49
C VAL A 803 18.33 -27.86 -14.46
N PHE A 804 18.08 -27.63 -13.18
CA PHE A 804 18.93 -28.21 -12.15
C PHE A 804 18.20 -28.32 -10.82
N THR A 805 18.90 -28.79 -9.79
CA THR A 805 18.31 -28.96 -8.48
C THR A 805 18.91 -27.91 -7.56
N TRP A 806 18.05 -27.08 -6.96
CA TRP A 806 18.56 -26.05 -6.07
C TRP A 806 18.30 -26.47 -4.63
N GLY A 807 19.34 -27.00 -4.01
CA GLY A 807 19.27 -27.51 -2.65
C GLY A 807 19.73 -26.45 -1.67
N ARG A 808 20.13 -26.90 -0.48
CA ARG A 808 20.44 -25.95 0.59
C ARG A 808 21.85 -25.34 0.48
N GLU A 809 22.76 -26.03 -0.21
CA GLU A 809 24.12 -25.52 -0.38
C GLU A 809 24.24 -24.53 -1.53
N ALA A 810 25.27 -23.68 -1.46
CA ALA A 810 25.48 -22.67 -2.49
C ALA A 810 25.71 -23.37 -3.82
N LEU A 811 25.27 -22.73 -4.88
CA LEU A 811 25.34 -23.29 -6.21
C LEU A 811 25.94 -22.21 -7.12
N ASN A 812 26.96 -22.58 -7.88
N ASN A 812 26.98 -22.56 -7.87
CA ASN A 812 27.54 -21.68 -8.88
CA ASN A 812 27.51 -21.66 -8.87
C ASN A 812 27.40 -22.26 -10.28
C ASN A 812 27.37 -22.26 -10.27
N LEU A 813 26.81 -21.48 -11.18
CA LEU A 813 26.63 -21.89 -12.56
C LEU A 813 27.42 -20.94 -13.42
N ARG A 814 28.40 -21.44 -14.16
CA ARG A 814 29.26 -20.58 -14.97
C ARG A 814 29.17 -20.93 -16.44
N LEU A 815 28.78 -19.96 -17.26
CA LEU A 815 28.74 -20.14 -18.70
C LEU A 815 29.96 -19.42 -19.29
N HIS A 816 30.64 -20.07 -20.22
CA HIS A 816 31.85 -19.48 -20.75
C HIS A 816 31.91 -19.65 -22.26
N LYS A 817 32.43 -18.62 -22.94
CA LYS A 817 32.57 -18.64 -24.39
C LYS A 817 33.81 -19.42 -24.78
S SO4 B . -24.72 -23.00 10.86
O1 SO4 B . -26.14 -23.27 10.71
O2 SO4 B . -24.47 -21.56 10.97
O3 SO4 B . -24.22 -23.69 12.05
O4 SO4 B . -24.01 -23.51 9.69
S SO4 C . 7.75 -24.79 -31.58
O1 SO4 C . 8.33 -23.55 -31.08
O2 SO4 C . 8.82 -25.68 -32.04
O3 SO4 C . 7.00 -25.45 -30.51
O4 SO4 C . 6.84 -24.52 -32.69
S SO4 D . 2.21 14.44 24.60
O1 SO4 D . 1.16 15.33 24.10
O2 SO4 D . 3.36 14.48 23.69
O3 SO4 D . 2.63 14.87 25.92
O4 SO4 D . 1.68 13.08 24.68
S SO4 E . 36.16 -12.14 -18.93
O1 SO4 E . 36.74 -11.39 -17.82
O2 SO4 E . 37.19 -12.93 -19.59
O3 SO4 E . 35.14 -13.04 -18.39
O4 SO4 E . 35.56 -11.22 -19.89
S SO4 F . 19.64 8.43 5.46
O1 SO4 F . 20.80 9.30 5.25
O2 SO4 F . 20.05 7.04 5.38
O3 SO4 F . 19.07 8.69 6.79
O4 SO4 F . 18.63 8.71 4.43
S SO4 G . 24.80 33.79 15.05
O1 SO4 G . 24.91 34.29 16.43
O2 SO4 G . 26.12 33.70 14.44
O3 SO4 G . 24.19 32.46 15.06
O4 SO4 G . 23.96 34.71 14.28
S SO4 H . 18.09 7.56 -27.75
O1 SO4 H . 17.69 8.11 -26.46
O2 SO4 H . 19.16 8.38 -28.32
O3 SO4 H . 18.55 6.19 -27.58
O4 SO4 H . 16.94 7.57 -28.66
S SO4 I . -32.57 -4.86 -6.01
O1 SO4 I . -33.60 -3.89 -6.38
O2 SO4 I . -31.26 -4.23 -6.10
O3 SO4 I . -32.82 -5.32 -4.65
O4 SO4 I . -32.62 -5.99 -6.93
S SO4 J . 18.09 5.80 14.41
O1 SO4 J . 17.84 7.14 13.89
O2 SO4 J . 19.49 5.70 14.82
O3 SO4 J . 17.24 5.55 15.57
O4 SO4 J . 17.82 4.82 13.37
S SO4 K . 26.80 -22.69 1.85
O1 SO4 K . 25.74 -21.82 1.32
O2 SO4 K . 28.08 -22.00 1.74
O3 SO4 K . 26.51 -22.99 3.26
O4 SO4 K . 26.86 -23.93 1.10
C1 OXL L . 27.47 -11.26 -25.70
C2 OXL L . 26.72 -11.75 -26.86
O1 OXL L . 28.71 -11.17 -25.79
O2 OXL L . 27.30 -12.44 -27.75
O3 OXL L . 26.88 -10.97 -24.63
O4 OXL L . 25.50 -11.50 -26.92
C1 EDO M . -8.49 19.47 21.19
O1 EDO M . -8.32 20.85 20.85
C2 EDO M . -7.33 18.97 22.06
O2 EDO M . -6.12 18.87 21.29
C1 EDO N . -0.32 -28.20 -0.19
O1 EDO N . 0.96 -27.55 -0.15
C2 EDO N . -0.69 -28.52 -1.64
O2 EDO N . -2.03 -29.04 -1.69
C1 EDO O . -4.61 -20.92 -19.16
O1 EDO O . -5.63 -19.96 -18.88
C2 EDO O . -3.38 -20.19 -19.68
O2 EDO O . -2.64 -19.61 -18.59
C1 EDO P . 20.59 -31.86 -0.69
O1 EDO P . 19.35 -32.13 -0.02
C2 EDO P . 20.79 -30.37 -0.82
O2 EDO P . 20.15 -29.71 0.26
O1 PG4 Q . 4.13 -20.29 -17.44
C1 PG4 Q . 5.48 -20.47 -17.92
C2 PG4 Q . 6.39 -19.42 -17.29
O2 PG4 Q . 6.42 -18.24 -18.08
C3 PG4 Q . 6.39 -17.08 -17.27
C4 PG4 Q . 6.30 -15.84 -18.15
O3 PG4 Q . 5.14 -15.07 -17.85
C5 PG4 Q . 4.47 -14.61 -19.03
C6 PG4 Q . 2.99 -14.95 -18.84
O4 PG4 Q . 2.12 -14.40 -19.83
C7 PG4 Q . 0.81 -14.94 -19.64
C8 PG4 Q . -0.30 -14.01 -20.13
O5 PG4 Q . -0.37 -13.95 -21.57
C1 EDO R . -14.33 17.75 -6.12
O1 EDO R . -13.26 18.21 -5.29
C2 EDO R . -14.07 18.24 -7.55
O2 EDO R . -14.70 17.35 -8.49
C1 EDO S . 21.14 -17.14 8.04
O1 EDO S . 22.27 -16.29 7.85
C2 EDO S . 21.52 -18.57 7.69
O2 EDO S . 20.33 -19.35 7.54
#